data_8DUK
#
_entry.id   8DUK
#
_cell.length_a   102.031
_cell.length_b   57.665
_cell.length_c   174.519
_cell.angle_alpha   90.000
_cell.angle_beta   102.510
_cell.angle_gamma   90.000
#
_symmetry.space_group_name_H-M   'C 1 2 1'
#
loop_
_entity.id
_entity.type
_entity.pdbx_description
1 polymer 'Estrogen receptor'
2 non-polymer "[(1'R)-6'-hydroxy-1'-{4-[2-(methylamino)ethoxy]phenyl}-1',4'-dihydro-2'H-spiro[cyclopropane-1,3'-isoquinolin]-2'-yl](phenyl)methanone"
3 water water
#
_entity_poly.entity_id   1
_entity_poly.type   'polypeptide(L)'
_entity_poly.pdbx_seq_one_letter_code
;MSKKNSLALSLTADQMVSALLDAEPPILYSEYDPTRPFSEASMMGLLTNLADRELVHMINWAKRVPGFVDLTLHDQVHLL
ESAWLEILMIGLVWRSMEHPGKLLFAPNLLLDRNQGKSVEGMVEIFDMLLATSSRFRMMNLQGEEFVCLKSIILLNSGVY
TFLSSTLKSLEEKDHIHRVLDKITDTLIHLMAKAGLTLQQQHQRLAQLLLILSHIRHMSNKGMEHLYSMKSKNVVPSYDL
LLEMLDAHRLHAPTS
;
_entity_poly.pdbx_strand_id   A,B,C,D
#
loop_
_chem_comp.id
_chem_comp.type
_chem_comp.name
_chem_comp.formula
TW6 non-polymer [(1'R)-6'-hydroxy-1'-{4-[2-(methylamino)ethoxy]phenyl}-1',4'-dihydro-2'H-spiro[cyclopropane-1,3'-isoquinolin]-2'-yl](phenyl)methanone 'C27 H28 N2 O3'
#
# COMPACT_ATOMS: atom_id res chain seq x y z
N LEU A 9 17.25 10.66 14.25
CA LEU A 9 17.23 10.96 15.69
C LEU A 9 18.62 11.41 16.16
N SER A 10 19.66 11.07 15.38
CA SER A 10 21.05 11.35 15.73
C SER A 10 21.52 12.74 15.35
N LEU A 11 20.78 13.44 14.48
CA LEU A 11 21.22 14.72 13.94
C LEU A 11 21.36 15.77 15.04
N THR A 12 22.30 16.68 14.85
CA THR A 12 22.29 17.88 15.67
C THR A 12 21.19 18.82 15.16
N ALA A 13 20.79 19.77 16.01
CA ALA A 13 19.92 20.84 15.57
C ALA A 13 20.40 21.49 14.28
N ASP A 14 21.70 21.84 14.23
CA ASP A 14 22.20 22.49 13.01
C ASP A 14 22.03 21.60 11.78
N GLN A 15 22.28 20.30 11.95
CA GLN A 15 22.12 19.37 10.82
C GLN A 15 20.66 19.17 10.46
N MET A 16 19.76 19.22 11.46
CA MET A 16 18.34 19.16 11.17
C MET A 16 17.91 20.35 10.33
N VAL A 17 18.32 21.55 10.70
CA VAL A 17 17.95 22.72 9.90
C VAL A 17 18.51 22.63 8.49
N SER A 18 19.80 22.26 8.37
CA SER A 18 20.39 22.14 7.03
C SER A 18 19.64 21.12 6.19
N ALA A 19 19.24 20.00 6.80
CA ALA A 19 18.53 18.99 6.02
C ALA A 19 17.19 19.54 5.52
N LEU A 20 16.48 20.26 6.39
CA LEU A 20 15.17 20.79 6.01
C LEU A 20 15.31 21.92 4.99
N LEU A 21 16.30 22.80 5.15
CA LEU A 21 16.56 23.79 4.10
C LEU A 21 16.90 23.13 2.76
N ASP A 22 17.75 22.11 2.77
CA ASP A 22 18.16 21.44 1.53
C ASP A 22 16.98 20.76 0.85
N ALA A 23 15.99 20.33 1.64
CA ALA A 23 14.84 19.60 1.13
C ALA A 23 13.73 20.52 0.60
N GLU A 24 13.86 21.83 0.81
CA GLU A 24 12.78 22.74 0.45
C GLU A 24 12.42 22.62 -1.03
N PRO A 25 11.14 22.54 -1.38
CA PRO A 25 10.77 22.52 -2.80
C PRO A 25 10.90 23.90 -3.42
N PRO A 26 10.99 23.93 -4.74
CA PRO A 26 11.05 25.21 -5.44
C PRO A 26 9.70 25.92 -5.43
N ILE A 27 9.77 27.22 -5.68
CA ILE A 27 8.59 28.02 -5.96
C ILE A 27 8.19 27.79 -7.41
N LEU A 28 6.99 27.24 -7.61
CA LEU A 28 6.53 26.94 -8.95
C LEU A 28 5.74 28.10 -9.52
N TYR A 29 5.65 28.12 -10.85
CA TYR A 29 4.89 29.14 -11.56
C TYR A 29 3.55 28.62 -12.02
N SER A 30 2.62 29.55 -12.19
CA SER A 30 1.42 29.25 -12.94
C SER A 30 1.81 29.13 -14.41
N GLU A 31 1.04 28.34 -15.15
CA GLU A 31 1.30 28.18 -16.58
C GLU A 31 1.35 29.54 -17.28
N TYR A 32 2.32 29.70 -18.19
CA TYR A 32 2.32 30.84 -19.10
C TYR A 32 1.70 30.44 -20.43
N ASP A 33 0.57 29.75 -20.43
CA ASP A 33 -0.10 29.30 -21.64
C ASP A 33 -0.83 30.44 -22.33
N PRO A 34 -0.33 30.95 -23.45
CA PRO A 34 -1.06 32.02 -24.17
C PRO A 34 -2.43 31.61 -24.66
N THR A 35 -2.68 30.31 -24.82
CA THR A 35 -4.04 29.84 -25.11
C THR A 35 -4.89 29.74 -23.85
N ARG A 36 -4.32 30.02 -22.68
CA ARG A 36 -5.06 29.93 -21.41
C ARG A 36 -4.71 31.14 -20.57
N PRO A 37 -5.13 32.33 -20.99
CA PRO A 37 -4.85 33.55 -20.21
C PRO A 37 -5.66 33.54 -18.93
N PHE A 38 -5.15 34.26 -17.92
CA PHE A 38 -5.89 34.37 -16.67
C PHE A 38 -7.19 35.15 -16.84
N SER A 39 -8.25 34.60 -16.26
CA SER A 39 -9.56 35.21 -16.12
C SER A 39 -10.25 34.54 -14.94
N GLU A 40 -11.39 35.11 -14.52
CA GLU A 40 -12.15 34.52 -13.42
C GLU A 40 -12.61 33.10 -13.76
N ALA A 41 -12.97 32.86 -15.03
CA ALA A 41 -13.39 31.54 -15.47
C ALA A 41 -12.25 30.52 -15.47
N SER A 42 -11.01 30.93 -15.77
CA SER A 42 -9.93 29.94 -15.80
C SER A 42 -9.19 29.81 -14.47
N MET A 43 -9.54 30.63 -13.48
CA MET A 43 -8.72 30.74 -12.27
C MET A 43 -8.63 29.41 -11.51
N MET A 44 -9.76 28.73 -11.33
CA MET A 44 -9.71 27.50 -10.54
C MET A 44 -8.86 26.45 -11.23
N GLY A 45 -8.98 26.37 -12.56
CA GLY A 45 -8.14 25.44 -13.31
C GLY A 45 -6.65 25.73 -13.17
N LEU A 46 -6.29 27.03 -13.21
CA LEU A 46 -4.89 27.39 -13.03
C LEU A 46 -4.40 27.03 -11.64
N LEU A 47 -5.21 27.33 -10.62
CA LEU A 47 -4.83 27.03 -9.23
C LEU A 47 -4.78 25.53 -8.95
N THR A 48 -5.70 24.75 -9.53
CA THR A 48 -5.65 23.31 -9.37
C THR A 48 -4.41 22.72 -10.01
N ASN A 49 -4.06 23.20 -11.20
CA ASN A 49 -2.89 22.65 -11.88
C ASN A 49 -1.62 22.99 -11.10
N LEU A 50 -1.58 24.19 -10.53
CA LEU A 50 -0.44 24.59 -9.71
C LEU A 50 -0.33 23.69 -8.48
N ALA A 51 -1.46 23.46 -7.80
CA ALA A 51 -1.46 22.61 -6.62
C ALA A 51 -1.02 21.20 -6.98
N ASP A 52 -1.49 20.70 -8.13
CA ASP A 52 -1.15 19.34 -8.52
C ASP A 52 0.36 19.21 -8.76
N ARG A 53 0.96 20.23 -9.39
CA ARG A 53 2.40 20.17 -9.57
C ARG A 53 3.14 20.35 -8.23
N GLU A 54 2.61 21.16 -7.33
CA GLU A 54 3.27 21.29 -6.04
C GLU A 54 3.23 19.99 -5.25
N LEU A 55 2.15 19.24 -5.40
CA LEU A 55 2.03 18.01 -4.62
C LEU A 55 3.13 17.03 -4.96
N VAL A 56 3.51 16.94 -6.25
CA VAL A 56 4.59 16.05 -6.63
C VAL A 56 5.87 16.41 -5.88
N HIS A 57 6.22 17.69 -5.85
CA HIS A 57 7.40 18.12 -5.09
C HIS A 57 7.22 17.88 -3.59
N MET A 58 5.99 18.09 -3.09
CA MET A 58 5.75 17.87 -1.67
C MET A 58 6.03 16.43 -1.27
N ILE A 59 5.63 15.47 -2.12
CA ILE A 59 5.92 14.08 -1.83
C ILE A 59 7.41 13.88 -1.69
N ASN A 60 8.16 14.44 -2.64
CA ASN A 60 9.60 14.21 -2.58
C ASN A 60 10.27 14.99 -1.45
N TRP A 61 9.68 16.13 -1.06
CA TRP A 61 10.14 16.83 0.13
C TRP A 61 9.90 15.99 1.40
N ALA A 62 8.71 15.42 1.53
CA ALA A 62 8.38 14.68 2.76
C ALA A 62 9.37 13.54 2.99
N LYS A 63 9.78 12.86 1.92
CA LYS A 63 10.72 11.75 2.02
C LYS A 63 12.09 12.18 2.53
N ARG A 64 12.36 13.48 2.48
CA ARG A 64 13.60 14.06 2.93
C ARG A 64 13.49 14.69 4.31
N VAL A 65 12.32 14.63 4.95
CA VAL A 65 12.18 15.14 6.32
C VAL A 65 12.74 14.04 7.24
N PRO A 66 13.78 14.33 8.02
CA PRO A 66 14.43 13.25 8.78
C PRO A 66 13.40 12.51 9.63
N GLY A 67 13.44 11.18 9.58
CA GLY A 67 12.47 10.37 10.31
C GLY A 67 11.26 9.93 9.52
N PHE A 68 10.90 10.66 8.45
CA PHE A 68 9.66 10.35 7.74
C PHE A 68 9.73 8.98 7.07
N VAL A 69 10.83 8.71 6.33
CA VAL A 69 10.89 7.42 5.61
C VAL A 69 11.20 6.23 6.51
N ASP A 70 11.47 6.48 7.80
CA ASP A 70 11.54 5.37 8.73
C ASP A 70 10.19 4.71 8.98
N LEU A 71 9.09 5.40 8.64
CA LEU A 71 7.74 4.91 8.87
C LEU A 71 7.37 3.94 7.77
N THR A 72 6.33 3.15 8.03
CA THR A 72 5.77 2.32 6.97
C THR A 72 5.23 3.19 5.87
N LEU A 73 5.19 2.63 4.65
CA LEU A 73 4.56 3.39 3.57
C LEU A 73 3.10 3.75 3.92
N HIS A 74 2.35 2.79 4.47
CA HIS A 74 0.96 3.04 4.88
C HIS A 74 0.87 4.26 5.80
N ASP A 75 1.77 4.38 6.77
CA ASP A 75 1.72 5.49 7.70
C ASP A 75 2.19 6.78 7.03
N GLN A 76 3.20 6.68 6.15
CA GLN A 76 3.60 7.86 5.39
C GLN A 76 2.41 8.42 4.61
N VAL A 77 1.62 7.55 3.96
CA VAL A 77 0.49 8.03 3.16
C VAL A 77 -0.57 8.69 4.04
N HIS A 78 -0.85 8.08 5.20
CA HIS A 78 -1.81 8.65 6.13
C HIS A 78 -1.38 10.04 6.58
N LEU A 79 -0.10 10.20 6.93
CA LEU A 79 0.38 11.53 7.34
C LEU A 79 0.21 12.54 6.19
N LEU A 80 0.58 12.16 4.97
CA LEU A 80 0.38 13.07 3.83
C LEU A 80 -1.09 13.33 3.53
N GLU A 81 -1.93 12.32 3.68
CA GLU A 81 -3.36 12.55 3.42
C GLU A 81 -3.89 13.57 4.45
N SER A 82 -3.38 13.52 5.61
N SER A 82 -3.42 13.50 5.62
CA SER A 82 -3.90 14.39 6.64
CA SER A 82 -3.89 14.43 6.63
C SER A 82 -3.28 15.79 6.61
C SER A 82 -3.36 15.84 6.41
N ALA A 83 -2.09 15.95 5.99
CA ALA A 83 -1.35 17.21 6.07
C ALA A 83 -1.24 17.99 4.76
N TRP A 84 -1.54 17.38 3.59
CA TRP A 84 -1.11 18.00 2.33
C TRP A 84 -1.72 19.39 2.16
N LEU A 85 -2.97 19.58 2.60
CA LEU A 85 -3.56 20.91 2.33
C LEU A 85 -2.97 21.95 3.30
N GLU A 86 -2.75 21.56 4.55
CA GLU A 86 -2.08 22.46 5.48
C GLU A 86 -0.71 22.86 4.96
N ILE A 87 0.03 21.90 4.40
N ILE A 87 0.03 21.90 4.41
CA ILE A 87 1.37 22.20 3.88
CA ILE A 87 1.36 22.18 3.86
C ILE A 87 1.26 23.11 2.67
C ILE A 87 1.25 23.12 2.66
N LEU A 88 0.31 22.85 1.76
CA LEU A 88 0.12 23.78 0.65
C LEU A 88 -0.20 25.19 1.17
N MET A 89 -1.07 25.26 2.19
CA MET A 89 -1.46 26.58 2.68
C MET A 89 -0.31 27.31 3.38
N ILE A 90 0.44 26.60 4.24
CA ILE A 90 1.50 27.33 4.93
C ILE A 90 2.55 27.81 3.92
N GLY A 91 2.81 27.03 2.87
CA GLY A 91 3.70 27.50 1.83
C GLY A 91 3.16 28.77 1.20
N LEU A 92 1.87 28.76 0.87
CA LEU A 92 1.24 29.96 0.31
C LEU A 92 1.41 31.15 1.24
N VAL A 93 1.14 30.95 2.54
CA VAL A 93 1.25 32.07 3.48
C VAL A 93 2.69 32.59 3.51
N TRP A 94 3.66 31.66 3.54
CA TRP A 94 5.07 32.06 3.53
C TRP A 94 5.40 32.88 2.27
N ARG A 95 4.96 32.40 1.10
CA ARG A 95 5.24 33.15 -0.14
C ARG A 95 4.59 34.51 -0.15
N SER A 96 3.48 34.67 0.58
CA SER A 96 2.71 35.91 0.59
C SER A 96 3.14 36.90 1.66
N MET A 97 4.00 36.46 2.60
CA MET A 97 4.31 37.26 3.79
C MET A 97 4.71 38.67 3.47
N GLU A 98 5.52 38.86 2.44
CA GLU A 98 6.04 40.19 2.12
C GLU A 98 5.14 40.97 1.17
N HIS A 99 3.89 40.52 0.97
CA HIS A 99 2.96 41.17 0.05
C HIS A 99 1.64 41.43 0.75
N PRO A 100 1.59 42.43 1.63
CA PRO A 100 0.36 42.65 2.42
C PRO A 100 -0.87 42.74 1.53
N GLY A 101 -1.93 42.05 1.96
CA GLY A 101 -3.18 42.12 1.24
C GLY A 101 -3.26 41.25 0.00
N LYS A 102 -2.20 40.53 -0.34
CA LYS A 102 -2.21 39.67 -1.50
C LYS A 102 -1.84 38.25 -1.15
N LEU A 103 -2.28 37.32 -1.99
CA LEU A 103 -1.83 35.94 -1.88
C LEU A 103 -1.01 35.62 -3.11
N LEU A 104 0.26 35.25 -2.89
CA LEU A 104 1.22 34.95 -3.96
C LEU A 104 1.14 33.45 -4.23
N PHE A 105 0.11 33.05 -4.96
CA PHE A 105 0.02 31.62 -5.32
C PHE A 105 1.25 31.21 -6.14
N ALA A 106 1.66 32.07 -7.07
CA ALA A 106 2.92 31.93 -7.78
C ALA A 106 3.40 33.33 -8.10
N PRO A 107 4.68 33.50 -8.47
CA PRO A 107 5.15 34.84 -8.85
C PRO A 107 4.33 35.49 -9.96
N ASN A 108 3.74 34.69 -10.85
CA ASN A 108 2.90 35.22 -11.92
C ASN A 108 1.42 35.03 -11.61
N LEU A 109 1.08 34.82 -10.33
CA LEU A 109 -0.33 34.58 -9.94
C LEU A 109 -0.50 35.14 -8.53
N LEU A 110 -0.59 36.47 -8.46
CA LEU A 110 -0.68 37.22 -7.22
C LEU A 110 -2.09 37.80 -7.18
N LEU A 111 -2.90 37.31 -6.25
CA LEU A 111 -4.29 37.70 -6.22
C LEU A 111 -4.61 38.59 -5.03
N ASP A 112 -5.57 39.46 -5.22
CA ASP A 112 -6.12 40.23 -4.11
C ASP A 112 -7.49 39.70 -3.73
N ARG A 113 -8.01 40.26 -2.64
CA ARG A 113 -9.23 39.78 -2.01
C ARG A 113 -10.43 39.89 -2.96
N ASN A 114 -10.47 40.96 -3.74
CA ASN A 114 -11.59 41.16 -4.67
C ASN A 114 -11.58 40.12 -5.78
N GLN A 115 -10.42 39.57 -6.12
CA GLN A 115 -10.40 38.45 -7.05
C GLN A 115 -10.92 37.19 -6.39
N GLY A 116 -10.78 37.11 -5.06
CA GLY A 116 -11.34 36.00 -4.31
C GLY A 116 -12.85 35.90 -4.40
N LYS A 117 -13.51 37.04 -4.53
CA LYS A 117 -14.95 37.09 -4.40
C LYS A 117 -15.67 36.37 -5.54
N SER A 118 -14.90 35.75 -6.45
CA SER A 118 -15.48 35.12 -7.64
C SER A 118 -16.33 33.90 -7.27
N VAL A 119 -15.88 33.13 -6.28
CA VAL A 119 -16.45 31.83 -5.94
C VAL A 119 -17.09 31.89 -4.55
N GLU A 120 -18.10 31.05 -4.34
CA GLU A 120 -18.75 31.01 -3.04
C GLU A 120 -17.81 30.36 -2.03
N GLY A 121 -17.73 30.95 -0.84
CA GLY A 121 -16.85 30.46 0.20
C GLY A 121 -15.38 30.76 0.00
N MET A 122 -14.99 31.41 -1.11
CA MET A 122 -13.57 31.59 -1.36
C MET A 122 -13.02 32.78 -0.59
N VAL A 123 -13.79 33.86 -0.48
CA VAL A 123 -13.24 35.04 0.20
C VAL A 123 -13.02 34.75 1.69
N GLU A 124 -13.89 33.97 2.33
CA GLU A 124 -13.68 33.64 3.75
C GLU A 124 -12.32 32.98 3.97
N ILE A 125 -11.98 32.00 3.14
CA ILE A 125 -10.69 31.32 3.29
C ILE A 125 -9.56 32.26 2.92
N PHE A 126 -9.79 33.06 1.90
CA PHE A 126 -8.82 34.03 1.47
C PHE A 126 -8.41 34.93 2.64
N ASP A 127 -9.39 35.43 3.39
CA ASP A 127 -9.09 36.33 4.49
C ASP A 127 -8.35 35.62 5.62
N MET A 128 -8.69 34.35 5.88
CA MET A 128 -7.95 33.57 6.89
C MET A 128 -6.49 33.41 6.49
N LEU A 129 -6.23 33.21 5.19
CA LEU A 129 -4.85 33.12 4.71
C LEU A 129 -4.12 34.45 4.85
N LEU A 130 -4.79 35.54 4.48
CA LEU A 130 -4.21 36.87 4.65
C LEU A 130 -3.88 37.15 6.11
N ALA A 131 -4.78 36.77 7.03
CA ALA A 131 -4.53 36.97 8.46
C ALA A 131 -3.30 36.21 8.94
N THR A 132 -3.12 34.98 8.44
CA THR A 132 -1.95 34.18 8.78
C THR A 132 -0.68 34.83 8.25
N SER A 133 -0.75 35.36 7.03
N SER A 133 -0.73 35.36 7.03
CA SER A 133 0.40 36.05 6.47
CA SER A 133 0.46 36.05 6.51
C SER A 133 0.74 37.27 7.34
C SER A 133 0.76 37.30 7.32
N SER A 134 -0.28 38.04 7.72
CA SER A 134 -0.08 39.19 8.61
C SER A 134 0.58 38.77 9.92
N ARG A 135 0.14 37.66 10.50
CA ARG A 135 0.73 37.17 11.75
C ARG A 135 2.20 36.78 11.56
N PHE A 136 2.53 36.08 10.46
CA PHE A 136 3.93 35.79 10.15
C PHE A 136 4.74 37.09 10.12
N ARG A 137 4.19 38.08 9.45
CA ARG A 137 4.88 39.39 9.34
C ARG A 137 5.10 39.97 10.74
N MET A 138 4.05 40.04 11.54
CA MET A 138 4.22 40.60 12.88
C MET A 138 5.27 39.86 13.71
N MET A 139 5.32 38.53 13.62
CA MET A 139 6.35 37.76 14.31
C MET A 139 7.71 37.82 13.63
N ASN A 140 7.82 38.44 12.46
CA ASN A 140 9.04 38.40 11.64
C ASN A 140 9.53 36.95 11.52
N LEU A 141 8.63 36.05 11.09
CA LEU A 141 8.99 34.64 10.96
C LEU A 141 10.21 34.46 10.05
N GLN A 142 11.16 33.63 10.48
CA GLN A 142 12.39 33.40 9.72
C GLN A 142 12.27 32.12 8.92
N GLY A 143 13.04 32.05 7.83
CA GLY A 143 12.95 30.87 6.96
C GLY A 143 13.26 29.58 7.66
N GLU A 144 14.29 29.59 8.52
CA GLU A 144 14.61 28.36 9.24
C GLU A 144 13.49 27.98 10.20
N GLU A 145 12.78 28.95 10.77
CA GLU A 145 11.61 28.58 11.58
C GLU A 145 10.50 27.99 10.72
N PHE A 146 10.25 28.62 9.56
CA PHE A 146 9.19 28.14 8.67
C PHE A 146 9.40 26.68 8.30
N VAL A 147 10.65 26.30 7.98
CA VAL A 147 10.81 24.92 7.54
C VAL A 147 10.62 23.98 8.71
N CYS A 148 10.94 24.42 9.95
CA CYS A 148 10.61 23.56 11.11
C CYS A 148 9.08 23.40 11.24
N LEU A 149 8.35 24.51 11.14
CA LEU A 149 6.89 24.41 11.29
C LEU A 149 6.27 23.51 10.25
N LYS A 150 6.76 23.58 9.01
CA LYS A 150 6.18 22.74 7.97
C LYS A 150 6.41 21.26 8.29
N SER A 151 7.60 20.91 8.79
N SER A 151 7.61 20.91 8.78
CA SER A 151 7.84 19.51 9.15
CA SER A 151 7.86 19.52 9.15
C SER A 151 6.99 19.08 10.33
C SER A 151 7.00 19.08 10.33
N ILE A 152 6.73 19.98 11.27
CA ILE A 152 5.85 19.63 12.37
C ILE A 152 4.45 19.30 11.84
N ILE A 153 3.94 20.11 10.94
CA ILE A 153 2.62 19.83 10.37
C ILE A 153 2.58 18.41 9.80
N LEU A 154 3.63 18.08 9.03
CA LEU A 154 3.69 16.79 8.37
C LEU A 154 3.62 15.65 9.36
N LEU A 155 4.36 15.75 10.47
CA LEU A 155 4.44 14.65 11.42
C LEU A 155 3.26 14.68 12.41
N ASN A 156 2.70 15.86 12.69
CA ASN A 156 1.67 15.95 13.76
C ASN A 156 0.25 15.78 13.26
N SER A 157 -0.07 16.23 12.04
CA SER A 157 -1.49 16.40 11.70
C SER A 157 -2.23 15.08 11.65
N GLY A 158 -1.54 14.01 11.26
CA GLY A 158 -2.17 12.70 11.22
C GLY A 158 -1.86 11.75 12.35
N VAL A 159 -1.06 12.17 13.35
CA VAL A 159 -0.59 11.19 14.34
C VAL A 159 -1.70 10.76 15.30
N TYR A 160 -2.74 11.58 15.47
CA TYR A 160 -3.82 11.23 16.40
C TYR A 160 -4.95 10.50 15.71
N THR A 161 -4.82 10.19 14.41
CA THR A 161 -5.86 9.45 13.69
C THR A 161 -5.33 8.18 13.03
N PHE A 162 -4.29 7.55 13.60
CA PHE A 162 -3.78 6.29 13.04
C PHE A 162 -4.78 5.13 13.19
N THR A 166 -1.79 -1.61 17.12
CA THR A 166 -0.83 -2.69 16.95
C THR A 166 0.52 -2.32 17.51
N LEU A 167 1.35 -3.35 17.76
CA LEU A 167 2.69 -3.08 18.24
C LEU A 167 3.47 -2.21 17.25
N LYS A 168 3.31 -2.44 15.94
CA LYS A 168 3.99 -1.58 14.98
C LYS A 168 3.46 -0.15 15.06
N SER A 169 2.15 0.00 15.29
CA SER A 169 1.59 1.34 15.37
C SER A 169 2.09 2.08 16.60
N LEU A 170 2.23 1.38 17.73
CA LEU A 170 2.82 2.00 18.91
C LEU A 170 4.26 2.43 18.65
N GLU A 171 5.05 1.59 17.96
CA GLU A 171 6.44 1.96 17.66
C GLU A 171 6.49 3.18 16.75
N GLU A 172 5.59 3.24 15.76
CA GLU A 172 5.56 4.37 14.82
C GLU A 172 5.25 5.67 15.55
N LYS A 173 4.21 5.64 16.39
CA LYS A 173 3.83 6.83 17.15
C LYS A 173 4.95 7.27 18.09
N ASP A 174 5.63 6.33 18.75
CA ASP A 174 6.78 6.69 19.57
C ASP A 174 7.85 7.40 18.74
N HIS A 175 8.13 6.86 17.55
CA HIS A 175 9.13 7.43 16.67
C HIS A 175 8.74 8.85 16.25
N ILE A 176 7.48 9.02 15.84
CA ILE A 176 7.02 10.34 15.41
C ILE A 176 7.15 11.35 16.55
N HIS A 177 6.80 10.93 17.77
CA HIS A 177 6.92 11.87 18.89
C HIS A 177 8.39 12.21 19.19
N ARG A 178 9.32 11.25 19.01
CA ARG A 178 10.72 11.55 19.17
C ARG A 178 11.22 12.51 18.10
N VAL A 179 10.78 12.33 16.86
CA VAL A 179 11.16 13.28 15.85
C VAL A 179 10.58 14.66 16.13
N LEU A 180 9.31 14.73 16.53
CA LEU A 180 8.72 16.04 16.85
C LEU A 180 9.50 16.72 17.98
N ASP A 181 9.89 15.95 19.00
CA ASP A 181 10.71 16.50 20.07
C ASP A 181 12.04 17.06 19.54
N LYS A 182 12.67 16.36 18.60
CA LYS A 182 13.90 16.91 18.01
C LYS A 182 13.66 18.19 17.24
N ILE A 183 12.55 18.28 16.51
CA ILE A 183 12.26 19.55 15.85
C ILE A 183 12.01 20.67 16.86
N THR A 184 11.34 20.36 17.99
CA THR A 184 11.19 21.38 19.03
C THR A 184 12.55 21.87 19.50
N ASP A 185 13.45 20.93 19.86
CA ASP A 185 14.81 21.28 20.24
C ASP A 185 15.44 22.18 19.19
N THR A 186 15.23 21.84 17.92
CA THR A 186 15.83 22.59 16.81
C THR A 186 15.26 24.01 16.75
N LEU A 187 13.95 24.15 16.95
CA LEU A 187 13.35 25.49 16.95
C LEU A 187 13.91 26.31 18.09
N ILE A 188 13.99 25.71 19.28
CA ILE A 188 14.54 26.44 20.43
C ILE A 188 16.00 26.83 20.17
N HIS A 189 16.77 25.92 19.59
CA HIS A 189 18.18 26.19 19.27
C HIS A 189 18.30 27.37 18.31
N LEU A 190 17.46 27.42 17.27
CA LEU A 190 17.49 28.56 16.35
C LEU A 190 17.29 29.85 17.11
N MET A 191 16.33 29.86 18.05
CA MET A 191 16.08 31.09 18.76
C MET A 191 17.19 31.38 19.77
N ALA A 192 17.71 30.33 20.43
CA ALA A 192 18.85 30.55 21.32
C ALA A 192 20.07 31.10 20.56
N LYS A 193 20.35 30.55 19.35
CA LYS A 193 21.55 31.00 18.60
C LYS A 193 21.46 32.46 18.27
N ALA A 194 20.25 32.86 17.89
CA ALA A 194 19.99 34.23 17.53
C ALA A 194 20.18 35.18 18.70
N GLY A 195 19.94 34.72 19.92
CA GLY A 195 20.14 35.60 21.08
C GLY A 195 18.88 35.89 21.88
N LEU A 196 17.78 35.19 21.61
CA LEU A 196 16.59 35.40 22.43
C LEU A 196 16.81 34.90 23.85
N THR A 197 16.19 35.59 24.80
CA THR A 197 16.22 35.09 26.17
C THR A 197 15.38 33.83 26.29
N LEU A 198 15.59 33.09 27.39
CA LEU A 198 14.80 31.90 27.64
C LEU A 198 13.30 32.22 27.61
N GLN A 199 12.90 33.27 28.34
CA GLN A 199 11.49 33.67 28.32
C GLN A 199 11.00 33.94 26.89
N GLN A 200 11.80 34.67 26.09
CA GLN A 200 11.44 34.95 24.70
C GLN A 200 11.39 33.68 23.87
N GLN A 201 12.27 32.72 24.16
CA GLN A 201 12.27 31.46 23.47
C GLN A 201 10.98 30.70 23.70
N HIS A 202 10.59 30.52 24.97
CA HIS A 202 9.35 29.76 25.23
C HIS A 202 8.14 30.53 24.67
N GLN A 203 8.12 31.86 24.83
CA GLN A 203 6.96 32.61 24.34
C GLN A 203 6.83 32.48 22.83
N ARG A 204 7.97 32.53 22.11
CA ARG A 204 7.93 32.44 20.66
C ARG A 204 7.58 31.04 20.18
N LEU A 205 8.16 30.01 20.81
CA LEU A 205 7.76 28.67 20.46
C LEU A 205 6.24 28.51 20.57
N ALA A 206 5.67 28.98 21.67
CA ALA A 206 4.23 28.82 21.83
C ALA A 206 3.48 29.59 20.76
N GLN A 207 3.91 30.82 20.47
CA GLN A 207 3.27 31.64 19.45
C GLN A 207 3.28 30.92 18.10
N LEU A 208 4.43 30.33 17.75
CA LEU A 208 4.53 29.63 16.47
C LEU A 208 3.60 28.40 16.47
N LEU A 209 3.64 27.63 17.55
CA LEU A 209 2.87 26.39 17.54
C LEU A 209 1.36 26.65 17.59
N LEU A 210 0.92 27.75 18.21
CA LEU A 210 -0.51 28.06 18.23
C LEU A 210 -1.01 28.41 16.82
N ILE A 211 -0.14 28.96 15.97
CA ILE A 211 -0.55 29.27 14.60
C ILE A 211 -0.92 28.00 13.88
N LEU A 212 -0.32 26.86 14.27
CA LEU A 212 -0.68 25.61 13.63
C LEU A 212 -2.15 25.22 13.86
N SER A 213 -2.74 25.59 15.01
CA SER A 213 -4.18 25.37 15.15
C SER A 213 -4.99 26.13 14.10
N HIS A 214 -4.60 27.38 13.83
CA HIS A 214 -5.27 28.17 12.81
C HIS A 214 -5.09 27.53 11.43
N ILE A 215 -3.87 27.05 11.14
CA ILE A 215 -3.64 26.41 9.84
C ILE A 215 -4.51 25.17 9.70
N ARG A 216 -4.66 24.43 10.79
CA ARG A 216 -5.55 23.24 10.70
C ARG A 216 -6.98 23.71 10.41
N HIS A 217 -7.42 24.72 11.13
CA HIS A 217 -8.75 25.28 10.91
C HIS A 217 -8.96 25.64 9.43
N MET A 218 -8.00 26.37 8.85
CA MET A 218 -8.09 26.77 7.45
C MET A 218 -8.14 25.56 6.55
N SER A 219 -7.37 24.52 6.88
CA SER A 219 -7.36 23.32 6.06
CA SER A 219 -7.36 23.34 6.04
C SER A 219 -8.74 22.69 6.02
N ASN A 220 -9.41 22.64 7.16
CA ASN A 220 -10.73 22.04 7.19
C ASN A 220 -11.75 22.86 6.41
N LYS A 221 -11.74 24.18 6.55
CA LYS A 221 -12.55 25.03 5.67
C LYS A 221 -12.22 24.81 4.19
N GLY A 222 -10.91 24.74 3.85
CA GLY A 222 -10.53 24.50 2.47
C GLY A 222 -10.99 23.16 1.95
N MET A 223 -10.91 22.10 2.78
CA MET A 223 -11.45 20.82 2.34
C MET A 223 -12.94 20.93 2.03
N GLU A 224 -13.70 21.62 2.88
CA GLU A 224 -15.12 21.84 2.60
C GLU A 224 -15.30 22.50 1.24
N HIS A 225 -14.46 23.50 0.97
CA HIS A 225 -14.55 24.28 -0.28
C HIS A 225 -14.20 23.42 -1.49
N LEU A 226 -13.12 22.63 -1.39
CA LEU A 226 -12.77 21.78 -2.53
C LEU A 226 -13.87 20.77 -2.82
N TYR A 227 -14.43 20.13 -1.78
CA TYR A 227 -15.52 19.19 -2.02
C TYR A 227 -16.75 19.88 -2.58
N SER A 228 -17.01 21.14 -2.21
CA SER A 228 -18.15 21.82 -2.81
C SER A 228 -17.95 22.07 -4.31
N MET A 229 -16.74 21.87 -4.85
CA MET A 229 -16.49 22.04 -6.28
C MET A 229 -17.04 20.89 -7.08
N LYS A 230 -17.27 19.74 -6.45
CA LYS A 230 -17.82 18.57 -7.12
C LYS A 230 -17.06 18.25 -8.40
N SER A 231 -15.73 18.33 -8.33
CA SER A 231 -14.91 17.85 -9.42
C SER A 231 -14.42 16.44 -9.08
N LYS A 232 -13.70 15.81 -10.01
CA LYS A 232 -13.28 14.42 -9.84
C LYS A 232 -11.92 14.30 -9.13
N VAL A 235 -9.53 16.32 -4.81
CA VAL A 235 -8.91 15.80 -3.62
C VAL A 235 -8.10 14.54 -3.92
N PRO A 236 -6.80 14.52 -3.59
CA PRO A 236 -6.01 13.30 -3.85
C PRO A 236 -6.47 12.15 -2.95
N SER A 237 -6.82 11.02 -3.54
CA SER A 237 -7.26 9.89 -2.73
C SER A 237 -6.07 9.20 -2.06
N TYR A 238 -6.40 8.43 -1.00
CA TYR A 238 -5.39 7.58 -0.37
C TYR A 238 -4.64 6.74 -1.41
N ASP A 239 -5.39 6.01 -2.23
CA ASP A 239 -4.76 5.21 -3.27
C ASP A 239 -3.84 6.04 -4.15
N LEU A 240 -4.24 7.26 -4.50
CA LEU A 240 -3.40 8.12 -5.38
C LEU A 240 -2.11 8.54 -4.68
N LEU A 241 -2.22 8.98 -3.44
CA LEU A 241 -1.01 9.38 -2.70
C LEU A 241 -0.06 8.19 -2.51
N LEU A 242 -0.63 6.99 -2.30
CA LEU A 242 0.24 5.84 -2.11
C LEU A 242 1.01 5.54 -3.37
N GLU A 243 0.32 5.62 -4.49
CA GLU A 243 1.01 5.41 -5.80
C GLU A 243 2.17 6.38 -5.94
N MET A 244 1.98 7.63 -5.47
CA MET A 244 3.02 8.63 -5.62
C MET A 244 4.19 8.39 -4.67
N LEU A 245 3.89 7.97 -3.42
CA LEU A 245 4.96 7.76 -2.43
C LEU A 245 5.68 6.43 -2.65
N ASP A 246 4.97 5.45 -3.23
CA ASP A 246 5.49 4.07 -3.39
C ASP A 246 6.41 4.01 -4.60
N ALA A 247 7.59 4.60 -4.44
CA ALA A 247 8.54 4.67 -5.54
C ALA A 247 9.28 3.35 -5.71
N HIS A 248 9.72 3.07 -6.93
CA HIS A 248 10.68 1.98 -7.08
C HIS A 248 12.08 2.54 -6.91
N ARG A 249 13.09 1.66 -7.00
CA ARG A 249 14.50 2.07 -6.90
C ARG A 249 15.22 1.93 -8.24
N LEU A 250 14.50 2.02 -9.35
CA LEU A 250 15.06 1.76 -10.67
C LEU A 250 15.65 3.01 -11.33
N HIS A 251 16.02 4.03 -10.55
CA HIS A 251 16.58 5.26 -11.09
C HIS A 251 17.87 5.64 -10.35
N LEU B 7 -4.32 45.11 34.80
CA LEU B 7 -3.80 44.62 36.08
C LEU B 7 -3.78 43.10 36.15
N ALA B 8 -4.57 42.45 35.29
CA ALA B 8 -4.45 41.01 35.14
C ALA B 8 -3.06 40.62 34.63
N LEU B 9 -2.44 41.47 33.81
CA LEU B 9 -1.11 41.11 33.34
C LEU B 9 -0.03 41.25 34.40
N SER B 10 -0.37 41.55 35.66
CA SER B 10 0.62 41.67 36.73
C SER B 10 0.56 40.50 37.71
N LEU B 11 -0.32 39.52 37.48
CA LEU B 11 -0.34 38.34 38.32
C LEU B 11 0.98 37.57 38.20
N THR B 12 1.42 36.99 39.31
CA THR B 12 2.50 36.03 39.23
C THR B 12 2.00 34.73 38.60
N ALA B 13 2.95 33.88 38.18
CA ALA B 13 2.56 32.57 37.64
C ALA B 13 1.72 31.81 38.66
N ASP B 14 2.19 31.75 39.90
CA ASP B 14 1.43 31.06 40.94
C ASP B 14 0.04 31.69 41.09
N GLN B 15 -0.07 33.02 40.97
CA GLN B 15 -1.38 33.63 41.11
C GLN B 15 -2.29 33.24 39.95
N MET B 16 -1.72 33.21 38.73
CA MET B 16 -2.45 32.80 37.52
C MET B 16 -3.04 31.40 37.70
N VAL B 17 -2.21 30.46 38.20
CA VAL B 17 -2.63 29.08 38.39
C VAL B 17 -3.76 29.03 39.40
N SER B 18 -3.59 29.70 40.54
N SER B 18 -3.60 29.71 40.53
CA SER B 18 -4.62 29.69 41.57
CA SER B 18 -4.63 29.66 41.57
C SER B 18 -5.94 30.23 41.03
C SER B 18 -5.95 30.26 41.08
N ALA B 19 -5.88 31.37 40.33
CA ALA B 19 -7.08 31.95 39.73
C ALA B 19 -7.77 30.97 38.79
N LEU B 20 -6.99 30.23 38.02
CA LEU B 20 -7.59 29.32 37.06
C LEU B 20 -8.15 28.07 37.75
N LEU B 21 -7.45 27.55 38.75
CA LEU B 21 -8.00 26.42 39.49
C LEU B 21 -9.33 26.79 40.17
N ASP B 22 -9.37 27.96 40.82
CA ASP B 22 -10.57 28.43 41.49
C ASP B 22 -11.73 28.65 40.53
N ALA B 23 -11.44 28.97 39.28
CA ALA B 23 -12.50 29.26 38.31
C ALA B 23 -13.14 28.02 37.72
N GLU B 24 -12.64 26.82 38.04
CA GLU B 24 -13.04 25.62 37.29
C GLU B 24 -14.56 25.40 37.40
N PRO B 25 -15.22 25.01 36.31
CA PRO B 25 -16.66 24.78 36.34
C PRO B 25 -16.99 23.46 36.99
N PRO B 26 -18.23 23.25 37.39
CA PRO B 26 -18.60 22.00 38.01
C PRO B 26 -18.71 20.93 36.94
N ILE B 27 -18.79 19.68 37.40
CA ILE B 27 -19.11 18.56 36.52
C ILE B 27 -20.62 18.37 36.57
N LEU B 28 -21.28 18.39 35.43
CA LEU B 28 -22.72 18.21 35.40
C LEU B 28 -23.10 16.75 35.16
N TYR B 29 -24.36 16.43 35.48
CA TYR B 29 -24.94 15.13 35.19
C TYR B 29 -25.80 15.20 33.94
N SER B 30 -25.89 14.06 33.26
CA SER B 30 -26.86 13.91 32.21
C SER B 30 -28.27 13.94 32.81
N GLU B 31 -29.25 14.33 31.97
CA GLU B 31 -30.64 14.34 32.43
C GLU B 31 -31.31 13.01 32.15
N SER B 42 -32.89 8.40 23.50
CA SER B 42 -32.06 9.12 22.54
C SER B 42 -30.75 9.64 23.13
N MET B 43 -29.67 8.93 22.80
CA MET B 43 -28.34 9.37 23.20
C MET B 43 -28.03 10.80 22.74
N MET B 44 -28.42 11.16 21.51
CA MET B 44 -28.09 12.50 21.02
C MET B 44 -28.87 13.62 21.73
N GLY B 45 -30.16 13.42 22.04
CA GLY B 45 -30.86 14.36 22.91
C GLY B 45 -30.13 14.57 24.23
N LEU B 46 -29.68 13.47 24.85
CA LEU B 46 -28.94 13.58 26.10
C LEU B 46 -27.68 14.41 25.92
N LEU B 47 -26.91 14.14 24.86
CA LEU B 47 -25.64 14.85 24.71
C LEU B 47 -25.88 16.35 24.41
N THR B 48 -26.88 16.65 23.60
CA THR B 48 -27.20 18.04 23.30
C THR B 48 -27.62 18.78 24.57
N ASN B 49 -28.50 18.16 25.35
CA ASN B 49 -28.94 18.74 26.60
C ASN B 49 -27.78 19.01 27.55
N LEU B 50 -26.83 18.08 27.62
CA LEU B 50 -25.69 18.25 28.51
C LEU B 50 -24.83 19.43 28.04
N ALA B 51 -24.46 19.42 26.76
CA ALA B 51 -23.68 20.51 26.20
C ALA B 51 -24.35 21.86 26.46
N ASP B 52 -25.67 21.93 26.23
CA ASP B 52 -26.38 23.20 26.39
C ASP B 52 -26.29 23.71 27.83
N ARG B 53 -26.40 22.80 28.82
CA ARG B 53 -26.26 23.24 30.21
C ARG B 53 -24.83 23.59 30.57
N GLU B 54 -23.86 22.87 30.02
CA GLU B 54 -22.46 23.18 30.31
C GLU B 54 -22.07 24.55 29.80
N LEU B 55 -22.72 25.03 28.76
CA LEU B 55 -22.31 26.31 28.10
C LEU B 55 -22.32 27.46 29.09
N VAL B 56 -23.35 27.48 29.91
CA VAL B 56 -23.54 28.57 30.88
C VAL B 56 -22.39 28.60 31.88
N HIS B 57 -22.03 27.44 32.37
CA HIS B 57 -20.88 27.31 33.30
C HIS B 57 -19.57 27.71 32.59
N MET B 58 -19.48 27.35 31.34
CA MET B 58 -18.27 27.76 30.60
C MET B 58 -18.14 29.29 30.57
N ILE B 59 -19.24 30.00 30.36
CA ILE B 59 -19.19 31.46 30.30
C ILE B 59 -18.74 32.02 31.65
N ASN B 60 -19.31 31.49 32.73
CA ASN B 60 -18.88 31.92 34.07
C ASN B 60 -17.40 31.67 34.29
N TRP B 61 -16.91 30.54 33.79
CA TRP B 61 -15.49 30.23 33.88
C TRP B 61 -14.69 31.24 33.04
N ALA B 62 -15.15 31.53 31.83
CA ALA B 62 -14.41 32.44 30.97
C ALA B 62 -14.21 33.79 31.63
N LYS B 63 -15.25 34.30 32.28
CA LYS B 63 -15.16 35.60 32.93
C LYS B 63 -14.08 35.63 34.01
N ARG B 64 -13.68 34.48 34.55
CA ARG B 64 -12.66 34.44 35.60
C ARG B 64 -11.25 34.15 35.07
N VAL B 65 -11.10 33.94 33.77
CA VAL B 65 -9.79 33.77 33.15
C VAL B 65 -9.11 35.13 33.12
N PRO B 66 -8.00 35.31 33.84
CA PRO B 66 -7.41 36.64 33.94
C PRO B 66 -7.13 37.23 32.57
N GLY B 67 -7.51 38.50 32.38
CA GLY B 67 -7.37 39.18 31.12
C GLY B 67 -8.61 39.14 30.24
N PHE B 68 -9.49 38.15 30.42
CA PHE B 68 -10.61 37.96 29.51
C PHE B 68 -11.56 39.15 29.55
N VAL B 69 -11.98 39.58 30.76
CA VAL B 69 -12.99 40.64 30.84
C VAL B 69 -12.42 42.03 30.59
N ASP B 70 -11.10 42.17 30.40
CA ASP B 70 -10.58 43.44 29.89
C ASP B 70 -10.93 43.66 28.42
N LEU B 71 -11.33 42.62 27.72
CA LEU B 71 -11.77 42.79 26.34
C LEU B 71 -13.16 43.42 26.30
N THR B 72 -13.49 44.01 25.15
CA THR B 72 -14.87 44.45 24.96
C THR B 72 -15.80 43.25 25.01
N LEU B 73 -17.07 43.51 25.36
CA LEU B 73 -18.04 42.40 25.37
C LEU B 73 -18.16 41.79 24.00
N HIS B 74 -18.13 42.64 22.95
CA HIS B 74 -18.20 42.15 21.58
C HIS B 74 -17.08 41.15 21.32
N ASP B 75 -15.89 41.46 21.76
CA ASP B 75 -14.76 40.54 21.53
C ASP B 75 -14.83 39.30 22.43
N GLN B 76 -15.34 39.45 23.68
CA GLN B 76 -15.53 38.27 24.51
C GLN B 76 -16.50 37.30 23.85
N VAL B 77 -17.58 37.82 23.26
CA VAL B 77 -18.54 36.94 22.63
C VAL B 77 -17.91 36.22 21.43
N HIS B 78 -17.19 36.97 20.58
CA HIS B 78 -16.53 36.30 19.46
C HIS B 78 -15.59 35.21 19.95
N LEU B 79 -14.83 35.45 21.03
CA LEU B 79 -13.92 34.41 21.49
C LEU B 79 -14.70 33.20 21.94
N LEU B 80 -15.84 33.41 22.62
CA LEU B 80 -16.66 32.29 23.07
C LEU B 80 -17.26 31.54 21.88
N GLU B 81 -17.75 32.28 20.87
CA GLU B 81 -18.26 31.66 19.66
C GLU B 81 -17.23 30.71 19.06
N SER B 82 -15.97 31.15 19.00
CA SER B 82 -14.98 30.35 18.31
C SER B 82 -14.51 29.18 19.15
N ALA B 83 -14.54 29.32 20.49
CA ALA B 83 -13.84 28.38 21.39
C ALA B 83 -14.75 27.36 22.05
N TRP B 84 -16.07 27.60 22.15
CA TRP B 84 -16.87 26.86 23.11
C TRP B 84 -16.81 25.35 22.84
N LEU B 85 -16.86 24.93 21.57
CA LEU B 85 -16.90 23.48 21.33
C LEU B 85 -15.56 22.83 21.69
N GLU B 86 -14.43 23.48 21.34
CA GLU B 86 -13.12 23.01 21.78
C GLU B 86 -13.05 22.89 23.31
N ILE B 87 -13.63 23.85 24.01
CA ILE B 87 -13.57 23.82 25.47
C ILE B 87 -14.39 22.66 26.01
N LEU B 88 -15.56 22.39 25.42
CA LEU B 88 -16.34 21.24 25.85
C LEU B 88 -15.56 19.97 25.60
N MET B 89 -14.91 19.89 24.43
CA MET B 89 -14.14 18.71 24.07
C MET B 89 -12.97 18.48 25.02
N ILE B 90 -12.18 19.51 25.30
CA ILE B 90 -11.03 19.25 26.15
C ILE B 90 -11.51 18.86 27.57
N GLY B 91 -12.61 19.45 28.05
CA GLY B 91 -13.18 19.03 29.32
C GLY B 91 -13.57 17.56 29.31
N LEU B 92 -14.15 17.10 28.21
CA LEU B 92 -14.56 15.70 28.13
C LEU B 92 -13.35 14.78 28.15
N VAL B 93 -12.33 15.12 27.34
CA VAL B 93 -11.09 14.35 27.30
C VAL B 93 -10.47 14.25 28.68
N TRP B 94 -10.43 15.37 29.42
CA TRP B 94 -9.89 15.40 30.78
C TRP B 94 -10.67 14.47 31.70
N ARG B 95 -12.01 14.58 31.67
CA ARG B 95 -12.81 13.73 32.54
C ARG B 95 -12.63 12.27 32.22
N SER B 96 -12.26 11.96 30.98
CA SER B 96 -12.20 10.60 30.47
C SER B 96 -10.81 9.98 30.61
N MET B 97 -9.84 10.69 31.21
CA MET B 97 -8.46 10.19 31.20
C MET B 97 -8.33 8.86 31.91
N GLU B 98 -8.96 8.74 33.08
CA GLU B 98 -8.89 7.52 33.89
C GLU B 98 -9.88 6.44 33.44
N HIS B 99 -10.48 6.55 32.27
CA HIS B 99 -11.47 5.58 31.78
C HIS B 99 -11.10 5.10 30.37
N PRO B 100 -10.02 4.31 30.23
CA PRO B 100 -9.54 3.94 28.90
C PRO B 100 -10.65 3.35 28.05
N GLY B 101 -10.69 3.73 26.78
CA GLY B 101 -11.72 3.25 25.90
C GLY B 101 -13.11 3.81 26.11
N LYS B 102 -13.32 4.70 27.09
CA LYS B 102 -14.64 5.27 27.26
C LYS B 102 -14.58 6.79 27.38
N LEU B 103 -15.72 7.41 27.14
CA LEU B 103 -15.84 8.86 27.28
C LEU B 103 -16.83 9.15 28.41
N LEU B 104 -16.36 9.84 29.43
CA LEU B 104 -17.14 10.24 30.60
C LEU B 104 -17.84 11.58 30.32
N PHE B 105 -18.92 11.53 29.54
CA PHE B 105 -19.67 12.77 29.29
C PHE B 105 -20.17 13.36 30.60
N ALA B 106 -20.63 12.50 31.50
CA ALA B 106 -21.03 12.89 32.85
C ALA B 106 -20.88 11.66 33.73
N PRO B 107 -20.93 11.85 35.06
CA PRO B 107 -20.72 10.68 35.94
C PRO B 107 -21.76 9.60 35.75
N ASN B 108 -22.95 9.97 35.28
CA ASN B 108 -23.99 8.99 34.95
C ASN B 108 -24.11 8.74 33.45
N LEU B 109 -23.05 8.98 32.69
CA LEU B 109 -23.14 8.80 31.25
C LEU B 109 -21.73 8.52 30.71
N LEU B 110 -21.34 7.25 30.81
CA LEU B 110 -20.05 6.72 30.29
C LEU B 110 -20.37 5.90 29.03
N LEU B 111 -19.84 6.31 27.88
CA LEU B 111 -20.14 5.66 26.62
C LEU B 111 -18.82 5.11 26.07
N ASP B 112 -18.90 3.93 25.45
CA ASP B 112 -17.78 3.37 24.72
C ASP B 112 -17.98 3.58 23.22
N ARG B 113 -16.97 3.24 22.41
CA ARG B 113 -17.09 3.57 20.99
C ARG B 113 -18.18 2.75 20.29
N ASN B 114 -18.64 1.65 20.90
CA ASN B 114 -19.73 0.92 20.27
C ASN B 114 -21.04 1.68 20.39
N GLN B 115 -21.23 2.41 21.48
CA GLN B 115 -22.36 3.33 21.61
C GLN B 115 -22.05 4.58 20.79
N GLY B 121 -21.40 9.24 11.46
CA GLY B 121 -20.16 10.00 11.51
C GLY B 121 -19.74 10.23 12.95
N MET B 122 -20.40 9.50 13.85
CA MET B 122 -20.15 9.74 15.27
C MET B 122 -18.86 9.07 15.73
N VAL B 123 -18.60 7.86 15.22
CA VAL B 123 -17.51 7.03 15.70
C VAL B 123 -16.15 7.68 15.43
N GLU B 124 -16.02 8.38 14.29
CA GLU B 124 -14.77 9.04 13.95
C GLU B 124 -14.37 10.08 15.01
N ILE B 125 -15.29 10.97 15.36
CA ILE B 125 -15.00 11.94 16.42
C ILE B 125 -14.79 11.23 17.74
N PHE B 126 -15.63 10.22 18.02
CA PHE B 126 -15.47 9.43 19.24
C PHE B 126 -14.04 8.89 19.33
N ASP B 127 -13.56 8.27 18.24
CA ASP B 127 -12.22 7.68 18.27
C ASP B 127 -11.16 8.73 18.48
N MET B 128 -11.30 9.88 17.82
CA MET B 128 -10.32 10.94 18.01
C MET B 128 -10.27 11.45 19.46
N LEU B 129 -11.44 11.55 20.09
CA LEU B 129 -11.47 11.98 21.48
C LEU B 129 -10.79 10.97 22.39
N LEU B 130 -11.09 9.70 22.16
CA LEU B 130 -10.40 8.62 22.90
C LEU B 130 -8.89 8.71 22.74
N ALA B 131 -8.42 8.95 21.51
CA ALA B 131 -6.98 9.06 21.27
C ALA B 131 -6.40 10.24 22.03
N THR B 132 -7.15 11.36 22.08
CA THR B 132 -6.66 12.50 22.84
C THR B 132 -6.58 12.15 24.32
N SER B 133 -7.61 11.47 24.83
CA SER B 133 -7.61 11.12 26.25
C SER B 133 -6.46 10.17 26.55
N SER B 134 -6.19 9.25 25.64
CA SER B 134 -5.06 8.37 25.84
C SER B 134 -3.72 9.12 25.78
N ARG B 135 -3.59 10.11 24.89
CA ARG B 135 -2.38 10.93 24.86
C ARG B 135 -2.19 11.70 26.18
N PHE B 136 -3.26 12.29 26.72
CA PHE B 136 -3.14 12.97 28.01
C PHE B 136 -2.70 11.99 29.11
N ARG B 137 -3.24 10.77 29.08
CA ARG B 137 -2.89 9.76 30.08
C ARG B 137 -1.40 9.42 30.02
N MET B 138 -0.90 9.11 28.82
CA MET B 138 0.51 8.82 28.59
C MET B 138 1.41 9.96 29.03
N MET B 139 0.97 11.20 28.86
CA MET B 139 1.79 12.33 29.22
C MET B 139 1.69 12.63 30.70
N ASN B 140 0.75 11.99 31.40
CA ASN B 140 0.46 12.31 32.80
C ASN B 140 0.08 13.78 32.95
N LEU B 141 -0.83 14.23 32.09
CA LEU B 141 -1.26 15.61 32.16
C LEU B 141 -1.80 15.95 33.56
N GLN B 142 -1.34 17.07 34.11
CA GLN B 142 -1.68 17.55 35.44
C GLN B 142 -2.80 18.56 35.39
N GLY B 143 -3.57 18.65 36.48
CA GLY B 143 -4.69 19.56 36.50
C GLY B 143 -4.28 21.01 36.25
N GLU B 144 -3.13 21.41 36.79
CA GLU B 144 -2.67 22.79 36.63
C GLU B 144 -2.31 23.09 35.18
N GLU B 145 -1.80 22.09 34.46
CA GLU B 145 -1.52 22.20 33.04
C GLU B 145 -2.82 22.27 32.25
N PHE B 146 -3.76 21.40 32.58
CA PHE B 146 -5.04 21.36 31.89
C PHE B 146 -5.75 22.72 31.93
N VAL B 147 -5.79 23.37 33.08
CA VAL B 147 -6.52 24.65 33.11
C VAL B 147 -5.77 25.73 32.32
N CYS B 148 -4.44 25.69 32.29
CA CYS B 148 -3.73 26.61 31.39
C CYS B 148 -4.11 26.33 29.92
N LEU B 149 -4.18 25.05 29.54
CA LEU B 149 -4.48 24.71 28.14
C LEU B 149 -5.86 25.22 27.76
N LYS B 150 -6.84 25.10 28.69
CA LYS B 150 -8.20 25.59 28.42
C LYS B 150 -8.20 27.09 28.18
N SER B 151 -7.45 27.81 29.01
N SER B 151 -7.46 27.82 29.01
CA SER B 151 -7.40 29.26 28.84
CA SER B 151 -7.41 29.27 28.83
C SER B 151 -6.73 29.63 27.52
C SER B 151 -6.73 29.64 27.52
N ILE B 152 -5.76 28.85 27.08
CA ILE B 152 -5.15 29.13 25.78
C ILE B 152 -6.17 28.93 24.65
N ILE B 153 -6.95 27.85 24.71
CA ILE B 153 -8.03 27.65 23.70
C ILE B 153 -8.96 28.85 23.65
N LEU B 154 -9.41 29.31 24.82
CA LEU B 154 -10.36 30.43 24.84
C LEU B 154 -9.77 31.66 24.14
N LEU B 155 -8.51 31.97 24.45
CA LEU B 155 -7.94 33.20 23.94
C LEU B 155 -7.43 33.04 22.51
N ASN B 156 -7.03 31.84 22.14
CA ASN B 156 -6.39 31.67 20.84
C ASN B 156 -7.37 31.32 19.72
N SER B 157 -8.52 30.75 20.03
N SER B 157 -8.53 30.75 20.05
CA SER B 157 -9.23 30.11 18.93
CA SER B 157 -9.30 30.11 18.99
C SER B 157 -9.93 31.10 18.02
C SER B 157 -9.81 31.15 18.00
N GLY B 158 -10.18 32.30 18.49
CA GLY B 158 -10.80 33.30 17.67
C GLY B 158 -9.88 34.44 17.32
N VAL B 159 -8.62 34.39 17.78
CA VAL B 159 -7.78 35.58 17.64
C VAL B 159 -7.43 35.89 16.17
N TYR B 160 -7.54 34.91 15.27
CA TYR B 160 -7.18 35.13 13.87
C TYR B 160 -8.38 35.35 12.97
N THR B 161 -9.60 35.37 13.53
CA THR B 161 -10.81 35.49 12.72
C THR B 161 -11.70 36.62 13.24
N PHE B 162 -11.11 37.67 13.80
CA PHE B 162 -11.85 38.88 14.18
C PHE B 162 -12.43 39.57 12.93
N THR B 166 -9.72 47.47 12.79
CA THR B 166 -9.70 48.84 13.34
C THR B 166 -8.63 48.97 14.42
N LEU B 167 -8.26 50.22 14.72
CA LEU B 167 -7.34 50.51 15.82
C LEU B 167 -7.75 49.75 17.08
N LYS B 168 -9.03 49.81 17.44
CA LYS B 168 -9.49 49.15 18.66
C LYS B 168 -9.28 47.65 18.58
N SER B 169 -9.65 47.04 17.44
CA SER B 169 -9.46 45.60 17.29
C SER B 169 -8.01 45.21 17.44
N LEU B 170 -7.10 45.99 16.86
CA LEU B 170 -5.67 45.70 16.97
C LEU B 170 -5.19 45.77 18.44
N GLU B 171 -5.64 46.79 19.18
CA GLU B 171 -5.35 46.85 20.61
C GLU B 171 -5.88 45.61 21.33
N GLU B 172 -7.10 45.16 20.98
CA GLU B 172 -7.64 43.95 21.59
C GLU B 172 -6.79 42.73 21.30
N LYS B 173 -6.39 42.58 20.05
CA LYS B 173 -5.56 41.39 19.69
C LYS B 173 -4.25 41.45 20.44
N ASP B 174 -3.68 42.64 20.51
CA ASP B 174 -2.45 42.82 21.25
C ASP B 174 -2.59 42.36 22.71
N HIS B 175 -3.67 42.78 23.37
CA HIS B 175 -3.93 42.33 24.73
C HIS B 175 -4.02 40.81 24.82
N ILE B 176 -4.80 40.20 23.92
CA ILE B 176 -4.90 38.74 23.84
C ILE B 176 -3.52 38.09 23.78
N HIS B 177 -2.66 38.59 22.89
CA HIS B 177 -1.32 37.96 22.79
C HIS B 177 -0.50 38.15 24.06
N ARG B 178 -0.59 39.31 24.72
CA ARG B 178 0.08 39.48 26.02
C ARG B 178 -0.45 38.47 27.06
N VAL B 179 -1.76 38.21 27.08
CA VAL B 179 -2.28 37.25 28.04
C VAL B 179 -1.80 35.85 27.71
N LEU B 180 -1.86 35.50 26.41
CA LEU B 180 -1.35 34.22 25.98
C LEU B 180 0.11 34.03 26.40
N ASP B 181 0.93 35.08 26.27
CA ASP B 181 2.33 34.96 26.68
C ASP B 181 2.42 34.65 28.16
N LYS B 182 1.55 35.26 28.96
CA LYS B 182 1.62 35.04 30.40
C LYS B 182 1.24 33.60 30.74
N ILE B 183 0.28 33.03 30.00
CA ILE B 183 -0.07 31.64 30.24
C ILE B 183 1.07 30.72 29.85
N THR B 184 1.76 31.01 28.73
CA THR B 184 2.97 30.25 28.38
C THR B 184 3.97 30.29 29.52
N ASP B 185 4.27 31.49 30.03
CA ASP B 185 5.14 31.62 31.21
C ASP B 185 4.68 30.72 32.36
N THR B 186 3.38 30.70 32.62
CA THR B 186 2.82 29.94 33.74
C THR B 186 3.01 28.44 33.53
N LEU B 187 2.72 27.95 32.32
CA LEU B 187 2.97 26.54 32.02
C LEU B 187 4.42 26.16 32.23
N ILE B 188 5.35 27.00 31.77
CA ILE B 188 6.76 26.68 31.95
C ILE B 188 7.10 26.67 33.44
N HIS B 189 6.59 27.66 34.16
CA HIS B 189 6.80 27.71 35.59
C HIS B 189 6.35 26.41 36.28
N LEU B 190 5.14 25.93 35.96
CA LEU B 190 4.66 24.66 36.52
C LEU B 190 5.62 23.50 36.22
N MET B 191 6.04 23.38 34.97
CA MET B 191 6.95 22.32 34.55
C MET B 191 8.27 22.42 35.29
N ALA B 192 8.78 23.63 35.45
CA ALA B 192 10.05 23.78 36.16
C ALA B 192 9.90 23.38 37.63
N LYS B 193 8.81 23.81 38.27
CA LYS B 193 8.58 23.39 39.65
C LYS B 193 8.39 21.89 39.79
N ALA B 194 7.86 21.21 38.76
CA ALA B 194 7.80 19.75 38.77
C ALA B 194 9.18 19.09 38.54
N GLY B 195 10.26 19.85 38.35
CA GLY B 195 11.57 19.23 38.23
C GLY B 195 12.01 18.86 36.83
N LEU B 196 11.28 19.26 35.79
CA LEU B 196 11.70 18.97 34.42
C LEU B 196 12.93 19.81 34.05
N THR B 197 13.84 19.22 33.27
CA THR B 197 14.93 20.04 32.72
C THR B 197 14.37 21.08 31.74
N LEU B 198 15.19 22.08 31.43
CA LEU B 198 14.82 23.07 30.42
C LEU B 198 14.43 22.39 29.10
N GLN B 199 15.19 21.38 28.68
CA GLN B 199 14.83 20.64 27.44
C GLN B 199 13.44 20.00 27.56
N GLN B 200 13.19 19.30 28.66
CA GLN B 200 11.91 18.63 28.87
C GLN B 200 10.76 19.63 28.96
N GLN B 201 11.04 20.81 29.55
CA GLN B 201 10.07 21.88 29.58
C GLN B 201 9.63 22.26 28.18
N HIS B 202 10.60 22.60 27.30
CA HIS B 202 10.15 23.06 26.00
CA HIS B 202 10.24 23.03 25.95
C HIS B 202 9.55 21.91 25.17
N GLN B 203 10.04 20.69 25.35
CA GLN B 203 9.45 19.55 24.68
C GLN B 203 8.00 19.34 25.13
N ARG B 204 7.75 19.44 26.44
CA ARG B 204 6.40 19.21 26.93
C ARG B 204 5.46 20.32 26.51
N LEU B 205 5.94 21.56 26.56
CA LEU B 205 5.15 22.68 26.10
C LEU B 205 4.72 22.44 24.66
N ALA B 206 5.67 22.04 23.82
CA ALA B 206 5.34 21.80 22.42
C ALA B 206 4.34 20.64 22.29
N GLN B 207 4.54 19.55 23.02
CA GLN B 207 3.61 18.42 22.95
C GLN B 207 2.19 18.84 23.31
N LEU B 208 2.04 19.66 24.35
CA LEU B 208 0.70 20.12 24.76
C LEU B 208 0.07 21.03 23.71
N LEU B 209 0.83 21.97 23.16
CA LEU B 209 0.22 22.88 22.19
C LEU B 209 -0.12 22.14 20.88
N LEU B 210 0.65 21.11 20.51
CA LEU B 210 0.31 20.36 19.31
C LEU B 210 -1.01 19.60 19.47
N ILE B 211 -1.32 19.17 20.69
CA ILE B 211 -2.60 18.52 20.92
C ILE B 211 -3.74 19.50 20.67
N LEU B 212 -3.52 20.80 20.98
CA LEU B 212 -4.57 21.77 20.70
C LEU B 212 -4.94 21.81 19.23
N SER B 213 -3.99 21.55 18.31
CA SER B 213 -4.43 21.58 16.93
C SER B 213 -5.36 20.39 16.61
N HIS B 214 -5.15 19.25 17.28
CA HIS B 214 -6.07 18.12 17.09
C HIS B 214 -7.44 18.47 17.70
N ILE B 215 -7.44 19.18 18.81
CA ILE B 215 -8.71 19.59 19.42
C ILE B 215 -9.44 20.55 18.51
N ARG B 216 -8.70 21.47 17.85
CA ARG B 216 -9.31 22.33 16.85
C ARG B 216 -9.92 21.51 15.72
N HIS B 217 -9.19 20.50 15.24
CA HIS B 217 -9.70 19.65 14.18
C HIS B 217 -11.02 18.99 14.57
N MET B 218 -11.05 18.37 15.76
CA MET B 218 -12.30 17.79 16.22
C MET B 218 -13.43 18.79 16.31
N SER B 219 -13.18 19.97 16.87
CA SER B 219 -14.22 21.00 16.92
C SER B 219 -14.67 21.38 15.52
N ASN B 220 -13.75 21.53 14.56
CA ASN B 220 -14.16 21.90 13.22
C ASN B 220 -15.17 20.90 12.69
N LYS B 221 -14.90 19.60 12.83
CA LYS B 221 -15.86 18.63 12.34
C LYS B 221 -17.21 18.74 13.06
N GLY B 222 -17.20 18.96 14.38
CA GLY B 222 -18.48 19.05 15.08
C GLY B 222 -19.24 20.30 14.69
N MET B 223 -18.55 21.44 14.55
CA MET B 223 -19.23 22.65 14.12
C MET B 223 -19.80 22.49 12.73
N GLU B 224 -19.05 21.85 11.82
CA GLU B 224 -19.60 21.59 10.48
C GLU B 224 -20.91 20.84 10.61
N HIS B 225 -20.97 19.87 11.54
CA HIS B 225 -22.19 19.07 11.70
C HIS B 225 -23.34 19.92 12.20
N LEU B 226 -23.08 20.76 13.21
CA LEU B 226 -24.10 21.67 13.75
C LEU B 226 -24.62 22.63 12.70
N TYR B 227 -23.72 23.25 11.94
CA TYR B 227 -24.19 24.16 10.89
C TYR B 227 -25.00 23.42 9.85
N SER B 228 -24.65 22.16 9.56
CA SER B 228 -25.38 21.42 8.52
C SER B 228 -26.83 21.16 8.90
N MET B 229 -27.16 21.25 10.19
CA MET B 229 -28.54 21.09 10.63
C MET B 229 -29.42 22.26 10.23
N LYS B 230 -28.84 23.42 9.84
CA LYS B 230 -29.64 24.58 9.38
C LYS B 230 -30.80 24.88 10.32
N SER B 231 -30.49 24.87 11.61
CA SER B 231 -31.48 24.95 12.68
C SER B 231 -31.12 26.11 13.58
N LYS B 232 -32.10 27.02 13.74
CA LYS B 232 -31.82 28.36 14.25
C LYS B 232 -30.90 28.39 15.45
N ASN B 233 -31.20 27.67 16.51
CA ASN B 233 -30.42 27.99 17.68
C ASN B 233 -29.49 26.86 18.11
N VAL B 234 -29.25 25.89 17.22
CA VAL B 234 -28.38 24.77 17.56
C VAL B 234 -26.95 25.27 17.81
N VAL B 235 -26.45 26.16 16.97
CA VAL B 235 -25.15 26.79 17.26
C VAL B 235 -25.47 27.98 18.16
N PRO B 236 -24.88 28.11 19.37
CA PRO B 236 -25.23 29.25 20.23
C PRO B 236 -25.02 30.58 19.51
N SER B 237 -26.05 31.41 19.55
CA SER B 237 -26.00 32.70 18.89
C SER B 237 -25.17 33.71 19.68
N TYR B 238 -24.74 34.75 18.96
CA TYR B 238 -24.13 35.91 19.60
C TYR B 238 -25.02 36.42 20.74
N ASP B 239 -26.33 36.56 20.48
CA ASP B 239 -27.23 37.08 21.51
C ASP B 239 -27.33 36.15 22.70
N LEU B 240 -27.35 34.84 22.47
CA LEU B 240 -27.46 33.92 23.59
C LEU B 240 -26.21 34.00 24.45
N LEU B 241 -25.05 33.95 23.80
CA LEU B 241 -23.80 34.06 24.54
C LEU B 241 -23.73 35.36 25.33
N LEU B 242 -24.15 36.45 24.67
CA LEU B 242 -24.13 37.77 25.30
C LEU B 242 -25.03 37.77 26.52
N GLU B 243 -26.24 37.17 26.40
CA GLU B 243 -27.14 37.09 27.55
C GLU B 243 -26.48 36.34 28.72
N MET B 244 -25.82 35.25 28.39
CA MET B 244 -25.17 34.41 29.40
C MET B 244 -24.07 35.20 30.11
N LEU B 245 -23.38 36.08 29.37
CA LEU B 245 -22.30 36.86 29.97
C LEU B 245 -22.83 37.83 31.02
N ASP B 246 -24.11 38.23 30.95
CA ASP B 246 -24.77 39.04 31.97
C ASP B 246 -24.03 40.37 32.17
N ALA B 247 -24.12 41.21 31.14
CA ALA B 247 -23.33 42.44 31.08
C ALA B 247 -23.68 43.40 32.24
N HIS B 248 -22.68 44.19 32.67
CA HIS B 248 -22.92 45.25 33.64
C HIS B 248 -24.07 46.12 33.17
N ARG B 249 -24.77 46.74 34.13
CA ARG B 249 -26.00 47.52 33.81
C ARG B 249 -25.74 49.01 33.63
N LEU B 250 -24.49 49.45 33.66
CA LEU B 250 -24.26 50.87 33.42
C LEU B 250 -23.58 51.12 32.05
N LEU C 9 21.56 -6.42 -10.44
CA LEU C 9 21.94 -6.62 -11.84
C LEU C 9 23.46 -6.78 -11.97
N SER C 10 24.18 -6.25 -10.98
CA SER C 10 25.64 -6.16 -11.00
C SER C 10 26.32 -7.42 -10.47
N LEU C 11 25.59 -8.28 -9.78
CA LEU C 11 26.19 -9.45 -9.14
C LEU C 11 26.75 -10.43 -10.16
N THR C 12 27.81 -11.14 -9.78
CA THR C 12 28.24 -12.29 -10.55
C THR C 12 27.30 -13.46 -10.25
N ALA C 13 27.29 -14.46 -11.15
CA ALA C 13 26.57 -15.70 -10.87
C ALA C 13 26.93 -16.26 -9.49
N ASP C 14 28.23 -16.30 -9.16
CA ASP C 14 28.61 -16.86 -7.86
C ASP C 14 28.02 -16.05 -6.71
N GLN C 15 28.05 -14.71 -6.82
CA GLN C 15 27.47 -13.86 -5.77
C GLN C 15 25.97 -14.00 -5.71
N MET C 16 25.32 -14.21 -6.87
CA MET C 16 23.90 -14.48 -6.89
C MET C 16 23.57 -15.76 -6.12
N VAL C 17 24.32 -16.84 -6.36
CA VAL C 17 24.02 -18.07 -5.62
C VAL C 17 24.27 -17.89 -4.14
N SER C 18 25.39 -17.24 -3.77
CA SER C 18 25.67 -17.04 -2.35
C SER C 18 24.57 -16.24 -1.69
N ALA C 19 24.08 -15.20 -2.36
CA ALA C 19 23.03 -14.39 -1.78
C ALA C 19 21.77 -15.22 -1.56
N LEU C 20 21.43 -16.07 -2.53
CA LEU C 20 20.21 -16.86 -2.41
C LEU C 20 20.39 -17.95 -1.34
N LEU C 21 21.55 -18.60 -1.29
CA LEU C 21 21.80 -19.54 -0.18
C LEU C 21 21.72 -18.84 1.18
N ASP C 22 22.32 -17.65 1.30
CA ASP C 22 22.32 -16.92 2.58
C ASP C 22 20.91 -16.55 2.99
N ALA C 23 20.00 -16.36 2.03
CA ALA C 23 18.64 -15.90 2.30
C ALA C 23 17.68 -17.04 2.63
N GLU C 24 18.13 -18.27 2.50
CA GLU C 24 17.23 -19.43 2.61
C GLU C 24 16.58 -19.44 3.99
N PRO C 25 15.28 -19.65 4.08
CA PRO C 25 14.63 -19.72 5.38
C PRO C 25 14.95 -21.04 6.06
N PRO C 26 14.76 -21.08 7.37
CA PRO C 26 14.99 -22.33 8.10
C PRO C 26 13.87 -23.31 7.87
N ILE C 27 14.17 -24.58 8.16
CA ILE C 27 13.14 -25.61 8.19
C ILE C 27 12.40 -25.52 9.51
N LEU C 28 11.10 -25.25 9.46
CA LEU C 28 10.35 -25.09 10.70
C LEU C 28 9.76 -26.41 11.15
N TYR C 29 9.39 -26.47 12.44
CA TYR C 29 8.71 -27.63 12.99
C TYR C 29 7.23 -27.41 13.19
N SER C 30 6.49 -28.52 13.15
CA SER C 30 5.13 -28.52 13.67
C SER C 30 5.20 -28.38 15.18
N GLU C 31 4.14 -27.83 15.75
CA GLU C 31 4.12 -27.59 17.18
C GLU C 31 4.34 -28.89 17.93
N TYR C 32 5.16 -28.84 18.99
CA TYR C 32 5.24 -29.93 19.96
C TYR C 32 4.34 -29.60 21.14
N ASP C 33 3.07 -29.46 20.87
CA ASP C 33 2.08 -29.08 21.86
C ASP C 33 1.49 -30.34 22.50
N PRO C 34 1.89 -30.72 23.72
CA PRO C 34 1.26 -31.91 24.33
C PRO C 34 -0.25 -31.81 24.50
N THR C 35 -0.82 -30.60 24.55
CA THR C 35 -2.28 -30.44 24.56
C THR C 35 -2.89 -30.61 23.19
N ARG C 36 -2.07 -30.72 22.14
CA ARG C 36 -2.55 -30.78 20.76
C ARG C 36 -1.78 -31.87 20.02
N PRO C 37 -1.95 -33.14 20.41
CA PRO C 37 -1.27 -34.23 19.69
C PRO C 37 -1.81 -34.39 18.29
N PHE C 38 -0.97 -34.93 17.40
CA PHE C 38 -1.41 -35.22 16.04
C PHE C 38 -2.51 -36.26 16.01
N SER C 39 -3.49 -36.00 15.14
CA SER C 39 -4.61 -36.85 14.79
C SER C 39 -5.20 -36.29 13.50
N GLU C 40 -6.10 -37.06 12.87
CA GLU C 40 -6.74 -36.62 11.64
C GLU C 40 -7.55 -35.35 11.86
N ALA C 41 -8.17 -35.23 13.03
CA ALA C 41 -8.98 -34.03 13.32
C ALA C 41 -8.13 -32.78 13.49
N SER C 42 -6.93 -32.91 14.06
CA SER C 42 -6.10 -31.73 14.29
C SER C 42 -5.15 -31.42 13.12
N MET C 43 -5.09 -32.27 12.10
CA MET C 43 -4.07 -32.18 11.06
C MET C 43 -4.12 -30.84 10.31
N MET C 44 -5.30 -30.42 9.87
CA MET C 44 -5.40 -29.18 9.10
C MET C 44 -4.97 -27.99 9.92
N GLY C 45 -5.32 -27.98 11.20
CA GLY C 45 -4.86 -26.92 12.10
C GLY C 45 -3.34 -26.87 12.26
N LEU C 46 -2.70 -28.04 12.38
CA LEU C 46 -1.25 -28.03 12.49
C LEU C 46 -0.62 -27.56 11.18
N LEU C 47 -1.15 -28.01 10.05
CA LEU C 47 -0.58 -27.64 8.75
C LEU C 47 -0.81 -26.16 8.45
N THR C 48 -1.97 -25.63 8.85
CA THR C 48 -2.21 -24.18 8.71
C THR C 48 -1.27 -23.37 9.57
N ASN C 49 -1.07 -23.79 10.81
CA ASN C 49 -0.17 -23.03 11.68
C ASN C 49 1.25 -23.07 11.15
N LEU C 50 1.66 -24.23 10.61
CA LEU C 50 3.00 -24.32 10.06
C LEU C 50 3.16 -23.36 8.87
N ALA C 51 2.19 -23.39 7.97
CA ALA C 51 2.26 -22.53 6.78
C ALA C 51 2.27 -21.06 7.18
N ASP C 52 1.46 -20.69 8.18
CA ASP C 52 1.44 -19.30 8.62
C ASP C 52 2.79 -18.87 9.16
N ARG C 53 3.46 -19.75 9.93
CA ARG C 53 4.79 -19.37 10.36
C ARG C 53 5.77 -19.36 9.20
N GLU C 54 5.61 -20.26 8.23
CA GLU C 54 6.58 -20.21 7.12
C GLU C 54 6.41 -18.92 6.30
N LEU C 55 5.18 -18.44 6.22
CA LEU C 55 4.94 -17.24 5.40
C LEU C 55 5.70 -16.06 5.92
N VAL C 56 5.77 -15.93 7.24
CA VAL C 56 6.55 -14.84 7.82
C VAL C 56 7.99 -14.89 7.36
N HIS C 57 8.62 -16.08 7.41
CA HIS C 57 10.00 -16.19 6.91
C HIS C 57 10.08 -15.97 5.40
N MET C 58 9.05 -16.42 4.67
CA MET C 58 9.05 -16.23 3.21
C MET C 58 9.07 -14.76 2.84
N ILE C 59 8.32 -13.93 3.58
CA ILE C 59 8.35 -12.49 3.30
C ILE C 59 9.76 -11.99 3.49
N ASN C 60 10.39 -12.39 4.58
CA ASN C 60 11.73 -11.88 4.80
C ASN C 60 12.75 -12.47 3.84
N TRP C 61 12.52 -13.69 3.36
CA TRP C 61 13.37 -14.23 2.29
C TRP C 61 13.21 -13.42 0.99
N ALA C 62 11.96 -13.13 0.61
CA ALA C 62 11.73 -12.45 -0.67
C ALA C 62 12.45 -11.12 -0.72
N LYS C 63 12.48 -10.39 0.41
CA LYS C 63 13.19 -9.11 0.45
C LYS C 63 14.68 -9.25 0.23
N ARG C 64 15.21 -10.45 0.34
CA ARG C 64 16.62 -10.71 0.14
C ARG C 64 16.94 -11.32 -1.22
N VAL C 65 15.94 -11.57 -2.05
CA VAL C 65 16.18 -11.99 -3.43
C VAL C 65 16.64 -10.78 -4.23
N PRO C 66 17.85 -10.81 -4.80
CA PRO C 66 18.40 -9.60 -5.44
C PRO C 66 17.42 -9.07 -6.46
N GLY C 67 17.16 -7.78 -6.41
CA GLY C 67 16.22 -7.19 -7.35
C GLY C 67 14.80 -7.05 -6.85
N PHE C 68 14.38 -7.83 -5.85
CA PHE C 68 12.98 -7.83 -5.43
C PHE C 68 12.62 -6.51 -4.76
N VAL C 69 13.49 -6.02 -3.85
CA VAL C 69 13.14 -4.78 -3.13
C VAL C 69 13.34 -3.53 -3.96
N ASP C 70 13.90 -3.65 -5.17
CA ASP C 70 13.90 -2.55 -6.12
C ASP C 70 12.50 -2.24 -6.63
N LEU C 71 11.54 -3.16 -6.53
CA LEU C 71 10.20 -2.92 -7.02
C LEU C 71 9.41 -2.08 -6.03
N THR C 72 8.29 -1.57 -6.51
CA THR C 72 7.39 -0.86 -5.61
C THR C 72 6.84 -1.86 -4.59
N LEU C 73 6.46 -1.37 -3.40
CA LEU C 73 5.77 -2.25 -2.46
C LEU C 73 4.54 -2.89 -3.08
N HIS C 74 3.73 -2.12 -3.79
CA HIS C 74 2.53 -2.68 -4.43
C HIS C 74 2.87 -3.86 -5.32
N ASP C 75 3.95 -3.76 -6.08
CA ASP C 75 4.31 -4.84 -6.98
C ASP C 75 4.93 -6.01 -6.21
N GLN C 76 5.73 -5.72 -5.19
CA GLN C 76 6.22 -6.80 -4.32
C GLN C 76 5.05 -7.61 -3.77
N VAL C 77 3.97 -6.95 -3.32
CA VAL C 77 2.83 -7.68 -2.75
C VAL C 77 2.14 -8.48 -3.84
N HIS C 78 1.99 -7.90 -5.01
CA HIS C 78 1.34 -8.66 -6.08
C HIS C 78 2.13 -9.94 -6.40
N LEU C 79 3.46 -9.85 -6.50
CA LEU C 79 4.27 -11.03 -6.79
C LEU C 79 4.12 -12.07 -5.68
N LEU C 80 4.14 -11.63 -4.42
CA LEU C 80 3.96 -12.58 -3.32
C LEU C 80 2.56 -13.15 -3.28
N GLU C 81 1.58 -12.36 -3.64
CA GLU C 81 0.21 -12.92 -3.66
C GLU C 81 0.16 -14.03 -4.73
N SER C 82 0.77 -13.83 -5.82
N SER C 82 0.75 -13.79 -5.85
CA SER C 82 0.64 -14.81 -6.88
CA SER C 82 0.70 -14.80 -6.91
C SER C 82 1.61 -15.98 -6.76
C SER C 82 1.46 -16.06 -6.54
N ALA C 83 2.60 -15.91 -5.88
CA ALA C 83 3.63 -16.95 -5.77
C ALA C 83 3.66 -17.72 -4.44
N TRP C 84 3.01 -17.23 -3.36
CA TRP C 84 3.32 -17.77 -2.02
C TRP C 84 3.00 -19.27 -1.94
N LEU C 85 1.93 -19.74 -2.57
CA LEU C 85 1.58 -21.17 -2.43
C LEU C 85 2.53 -22.01 -3.25
N GLU C 86 2.92 -21.55 -4.44
CA GLU C 86 3.94 -22.26 -5.21
C GLU C 86 5.23 -22.37 -4.43
N ILE C 87 5.64 -21.28 -3.78
N ILE C 87 5.63 -21.28 -3.78
CA ILE C 87 6.88 -21.29 -3.00
CA ILE C 87 6.85 -21.28 -2.98
C ILE C 87 6.76 -22.22 -1.80
C ILE C 87 6.74 -22.25 -1.81
N LEU C 88 5.62 -22.20 -1.09
CA LEU C 88 5.42 -23.18 -0.01
C LEU C 88 5.50 -24.60 -0.58
N MET C 89 4.86 -24.84 -1.74
CA MET C 89 4.89 -26.21 -2.24
C MET C 89 6.27 -26.65 -2.70
N ILE C 90 7.03 -25.80 -3.42
CA ILE C 90 8.34 -26.26 -3.89
C ILE C 90 9.25 -26.49 -2.69
N GLY C 91 9.10 -25.72 -1.61
CA GLY C 91 9.88 -26.00 -0.41
C GLY C 91 9.50 -27.36 0.15
N LEU C 92 8.21 -27.67 0.20
CA LEU C 92 7.78 -28.97 0.69
C LEU C 92 8.35 -30.08 -0.20
N VAL C 93 8.27 -29.92 -1.51
CA VAL C 93 8.82 -30.97 -2.38
C VAL C 93 10.31 -31.14 -2.14
N TRP C 94 11.03 -30.03 -1.99
CA TRP C 94 12.47 -30.11 -1.71
C TRP C 94 12.72 -30.85 -0.40
N ARG C 95 11.98 -30.51 0.66
CA ARG C 95 12.21 -31.19 1.94
C ARG C 95 11.87 -32.68 1.86
N SER C 96 10.96 -33.06 0.96
CA SER C 96 10.50 -34.45 0.82
C SER C 96 11.32 -35.31 -0.14
N MET C 97 12.28 -34.69 -0.86
CA MET C 97 12.90 -35.35 -2.00
C MET C 97 13.56 -36.65 -1.58
N GLU C 98 14.18 -36.68 -0.40
CA GLU C 98 14.90 -37.86 0.04
C GLU C 98 14.05 -38.85 0.80
N HIS C 99 12.72 -38.71 0.73
CA HIS C 99 11.79 -39.54 1.49
C HIS C 99 10.72 -40.06 0.55
N PRO C 100 11.04 -41.06 -0.27
CA PRO C 100 10.08 -41.48 -1.31
C PRO C 100 8.75 -41.88 -0.69
N GLY C 101 7.66 -41.47 -1.36
CA GLY C 101 6.32 -41.78 -0.88
C GLY C 101 5.84 -40.95 0.30
N LYS C 102 6.63 -40.01 0.81
CA LYS C 102 6.20 -39.29 1.99
C LYS C 102 6.26 -37.78 1.68
N LEU C 103 5.47 -36.98 2.38
CA LEU C 103 5.64 -35.53 2.33
C LEU C 103 6.15 -35.06 3.69
N LEU C 104 7.34 -34.46 3.68
CA LEU C 104 7.92 -33.96 4.93
C LEU C 104 7.50 -32.51 5.16
N PHE C 105 6.31 -32.34 5.72
CA PHE C 105 5.84 -30.99 6.03
C PHE C 105 6.76 -30.34 7.04
N ALA C 106 7.18 -31.10 8.04
CA ALA C 106 8.20 -30.69 8.99
C ALA C 106 8.92 -31.96 9.41
N PRO C 107 10.07 -31.84 10.07
CA PRO C 107 10.76 -33.07 10.55
C PRO C 107 9.92 -33.93 11.48
N ASN C 108 8.99 -33.31 12.23
CA ASN C 108 8.08 -34.03 13.12
C ASN C 108 6.70 -34.16 12.52
N LEU C 109 6.61 -34.03 11.16
CA LEU C 109 5.28 -34.06 10.55
C LEU C 109 5.47 -34.61 9.13
N LEU C 110 5.71 -35.91 9.08
CA LEU C 110 6.00 -36.62 7.84
C LEU C 110 4.81 -37.49 7.52
N LEU C 111 4.14 -37.21 6.42
CA LEU C 111 2.88 -37.88 6.16
C LEU C 111 2.98 -38.79 4.95
N ASP C 112 2.20 -39.85 4.96
CA ASP C 112 2.08 -40.66 3.76
C ASP C 112 0.72 -40.44 3.13
N ARG C 113 0.58 -41.04 1.96
CA ARG C 113 -0.60 -40.83 1.13
C ARG C 113 -1.87 -41.30 1.82
N ASN C 114 -1.79 -42.33 2.66
CA ASN C 114 -3.01 -42.81 3.28
C ASN C 114 -3.49 -41.82 4.33
N GLN C 115 -2.59 -40.99 4.83
CA GLN C 115 -3.03 -39.93 5.78
C GLN C 115 -3.70 -38.81 5.01
N GLY C 116 -3.38 -38.64 3.72
CA GLY C 116 -4.00 -37.60 2.89
C GLY C 116 -5.46 -37.84 2.57
N LYS C 117 -5.92 -39.09 2.66
CA LYS C 117 -7.31 -39.45 2.32
C LYS C 117 -8.38 -38.86 3.26
N SER C 118 -8.00 -38.39 4.44
CA SER C 118 -8.92 -37.78 5.41
C SER C 118 -9.76 -36.62 4.81
N VAL C 119 -9.24 -35.83 3.89
CA VAL C 119 -10.04 -34.69 3.35
C VAL C 119 -10.42 -34.86 1.87
N GLU C 120 -11.55 -34.29 1.48
CA GLU C 120 -11.95 -34.36 0.07
C GLU C 120 -10.92 -33.53 -0.72
N GLY C 121 -10.46 -34.05 -1.84
CA GLY C 121 -9.48 -33.36 -2.68
C GLY C 121 -8.04 -33.39 -2.19
N MET C 122 -7.76 -33.92 -0.98
CA MET C 122 -6.40 -33.82 -0.49
C MET C 122 -5.46 -34.85 -1.14
N VAL C 123 -5.91 -36.08 -1.40
CA VAL C 123 -4.97 -37.08 -1.93
C VAL C 123 -4.56 -36.73 -3.36
N GLU C 124 -5.42 -36.09 -4.14
CA GLU C 124 -5.04 -35.75 -5.53
C GLU C 124 -3.84 -34.78 -5.50
N ILE C 125 -3.93 -33.78 -4.64
CA ILE C 125 -2.82 -32.83 -4.56
C ILE C 125 -1.59 -33.50 -3.98
N PHE C 126 -1.82 -34.35 -2.99
CA PHE C 126 -0.74 -35.09 -2.35
C PHE C 126 0.07 -35.86 -3.37
N ASP C 127 -0.64 -36.52 -4.29
CA ASP C 127 0.05 -37.35 -5.28
C ASP C 127 0.82 -36.49 -6.27
N MET C 128 0.29 -35.30 -6.61
CA MET C 128 1.04 -34.38 -7.47
C MET C 128 2.33 -33.93 -6.78
N LEU C 129 2.26 -33.66 -5.49
CA LEU C 129 3.47 -33.28 -4.78
C LEU C 129 4.49 -34.43 -4.76
N LEU C 130 4.01 -35.62 -4.48
CA LEU C 130 4.89 -36.81 -4.50
C LEU C 130 5.53 -37.00 -5.87
N ALA C 131 4.74 -36.81 -6.94
CA ALA C 131 5.30 -36.90 -8.30
C ALA C 131 6.41 -35.88 -8.53
N THR C 132 6.22 -34.64 -8.07
CA THR C 132 7.27 -33.62 -8.20
C THR C 132 8.51 -33.99 -7.41
N SER C 133 8.33 -34.55 -6.21
CA SER C 133 9.49 -34.95 -5.43
C SER C 133 10.25 -36.07 -6.13
N SER C 134 9.52 -37.03 -6.70
CA SER C 134 10.12 -38.07 -7.53
C SER C 134 10.88 -37.49 -8.71
N ARG C 135 10.31 -36.49 -9.40
CA ARG C 135 11.03 -35.86 -10.51
C ARG C 135 12.31 -35.19 -10.04
N PHE C 136 12.27 -34.49 -8.89
CA PHE C 136 13.51 -33.91 -8.32
C PHE C 136 14.57 -34.98 -8.09
N ARG C 137 14.16 -36.10 -7.49
CA ARG C 137 15.07 -37.22 -7.26
C ARG C 137 15.67 -37.71 -8.56
N MET C 138 14.81 -37.99 -9.55
CA MET C 138 15.32 -38.43 -10.84
C MET C 138 16.31 -37.48 -11.46
N MET C 139 16.11 -36.17 -11.29
CA MET C 139 17.02 -35.22 -11.90
C MET C 139 18.21 -34.99 -11.01
N ASN C 140 18.19 -35.55 -9.79
CA ASN C 140 19.23 -35.26 -8.78
C ASN C 140 19.39 -33.75 -8.58
N LEU C 141 18.26 -33.07 -8.36
CA LEU C 141 18.26 -31.61 -8.16
C LEU C 141 19.21 -31.20 -7.03
N GLN C 142 20.06 -30.21 -7.30
CA GLN C 142 21.02 -29.72 -6.33
C GLN C 142 20.47 -28.50 -5.59
N GLY C 143 20.97 -28.30 -4.37
CA GLY C 143 20.47 -27.18 -3.56
C GLY C 143 20.62 -25.82 -4.24
N GLU C 144 21.73 -25.61 -4.90
CA GLU C 144 21.92 -24.32 -5.54
C GLU C 144 20.96 -24.13 -6.71
N GLU C 145 20.54 -25.23 -7.30
CA GLU C 145 19.56 -25.12 -8.40
C GLU C 145 18.17 -24.81 -7.81
N PHE C 146 17.85 -25.47 -6.71
CA PHE C 146 16.56 -25.27 -6.05
C PHE C 146 16.38 -23.81 -5.68
N VAL C 147 17.40 -23.18 -5.08
CA VAL C 147 17.20 -21.80 -4.68
C VAL C 147 17.01 -20.90 -5.90
N CYS C 148 17.70 -21.18 -7.03
CA CYS C 148 17.39 -20.43 -8.27
C CYS C 148 15.95 -20.63 -8.71
N LEU C 149 15.46 -21.88 -8.70
CA LEU C 149 14.08 -22.10 -9.11
C LEU C 149 13.10 -21.35 -8.23
N LYS C 150 13.33 -21.36 -6.92
CA LYS C 150 12.38 -20.69 -6.05
C LYS C 150 12.36 -19.18 -6.34
N SER C 151 13.53 -18.59 -6.61
N SER C 151 13.54 -18.59 -6.61
CA SER C 151 13.54 -17.16 -6.94
CA SER C 151 13.59 -17.16 -6.94
C SER C 151 12.87 -16.87 -8.28
C SER C 151 12.90 -16.87 -8.29
N ILE C 152 12.99 -17.79 -9.24
CA ILE C 152 12.26 -17.64 -10.49
C ILE C 152 10.76 -17.62 -10.24
N ILE C 153 10.27 -18.55 -9.43
CA ILE C 153 8.84 -18.55 -9.14
C ILE C 153 8.40 -17.19 -8.62
N LEU C 154 9.15 -16.69 -7.64
CA LEU C 154 8.80 -15.41 -7.03
C LEU C 154 8.67 -14.30 -8.08
N LEU C 155 9.63 -14.22 -9.01
CA LEU C 155 9.68 -13.09 -9.96
C LEU C 155 8.77 -13.33 -11.15
N ASN C 156 8.50 -14.60 -11.49
CA ASN C 156 7.75 -14.93 -12.72
C ASN C 156 6.27 -15.07 -12.51
N SER C 157 5.83 -15.53 -11.35
CA SER C 157 4.45 -16.03 -11.33
C SER C 157 3.42 -14.92 -11.46
N GLY C 158 3.75 -13.73 -10.97
CA GLY C 158 2.82 -12.62 -11.07
C GLY C 158 3.14 -11.59 -12.14
N VAL C 159 4.17 -11.82 -12.96
CA VAL C 159 4.63 -10.74 -13.84
C VAL C 159 3.69 -10.54 -15.04
N TYR C 160 2.86 -11.54 -15.34
CA TYR C 160 1.93 -11.47 -16.50
C TYR C 160 0.54 -10.98 -16.07
N THR C 161 0.38 -10.55 -14.82
CA THR C 161 -0.92 -10.09 -14.32
C THR C 161 -0.81 -8.77 -13.57
N PHE C 162 0.21 -7.96 -13.87
CA PHE C 162 0.27 -6.59 -13.32
C PHE C 162 -0.88 -5.67 -13.77
N THR C 166 1.30 1.56 -17.13
CA THR C 166 1.93 2.82 -16.79
C THR C 166 3.41 2.76 -17.03
N LEU C 167 4.02 3.95 -17.15
CA LEU C 167 5.47 3.98 -17.33
C LEU C 167 6.18 3.27 -16.19
N LYS C 168 5.70 3.42 -14.96
CA LYS C 168 6.37 2.72 -13.86
C LYS C 168 6.20 1.21 -14.01
N SER C 169 5.05 0.77 -14.50
CA SER C 169 4.82 -0.67 -14.67
C SER C 169 5.69 -1.26 -15.76
N LEU C 170 5.83 -0.55 -16.88
CA LEU C 170 6.80 -0.95 -17.91
C LEU C 170 8.22 -1.06 -17.35
N GLU C 171 8.64 -0.09 -16.51
CA GLU C 171 9.99 -0.16 -15.95
C GLU C 171 10.12 -1.34 -15.01
N GLU C 172 9.08 -1.62 -14.23
CA GLU C 172 9.10 -2.75 -13.28
C GLU C 172 9.24 -4.07 -14.05
N LYS C 173 8.37 -4.27 -15.05
CA LYS C 173 8.41 -5.46 -15.87
C LYS C 173 9.77 -5.64 -16.54
N ASP C 174 10.37 -4.56 -17.04
CA ASP C 174 11.69 -4.69 -17.67
C ASP C 174 12.72 -5.11 -16.65
N HIS C 175 12.61 -4.59 -15.41
CA HIS C 175 13.54 -4.94 -14.35
C HIS C 175 13.41 -6.42 -13.96
N ILE C 176 12.17 -6.87 -13.78
CA ILE C 176 11.92 -8.26 -13.43
C ILE C 176 12.50 -9.18 -14.51
N HIS C 177 12.27 -8.84 -15.78
CA HIS C 177 12.82 -9.67 -16.85
C HIS C 177 14.34 -9.66 -16.84
N ARG C 178 14.97 -8.56 -16.43
CA ARG C 178 16.42 -8.55 -16.38
C ARG C 178 16.92 -9.41 -15.21
N VAL C 179 16.24 -9.38 -14.09
CA VAL C 179 16.66 -10.21 -12.97
C VAL C 179 16.45 -11.69 -13.33
N LEU C 180 15.34 -12.00 -13.99
CA LEU C 180 15.10 -13.40 -14.40
C LEU C 180 16.21 -13.87 -15.36
N ASP C 181 16.61 -13.02 -16.30
CA ASP C 181 17.75 -13.33 -17.17
C ASP C 181 19.00 -13.61 -16.36
N LYS C 182 19.27 -12.81 -15.31
CA LYS C 182 20.47 -13.11 -14.52
C LYS C 182 20.34 -14.43 -13.76
N ILE C 183 19.15 -14.77 -13.28
CA ILE C 183 19.00 -16.09 -12.65
C ILE C 183 19.21 -17.20 -13.68
N THR C 184 18.74 -17.03 -14.91
CA THR C 184 19.01 -18.03 -15.93
C THR C 184 20.49 -18.20 -16.14
N ASP C 185 21.20 -17.08 -16.31
CA ASP C 185 22.66 -17.14 -16.43
C ASP C 185 23.26 -17.88 -15.26
N THR C 186 22.75 -17.63 -14.06
CA THR C 186 23.29 -18.23 -12.85
C THR C 186 23.06 -19.75 -12.86
N LEU C 187 21.87 -20.19 -13.32
CA LEU C 187 21.61 -21.63 -13.40
C LEU C 187 22.55 -22.30 -14.37
N ILE C 188 22.70 -21.69 -15.55
CA ILE C 188 23.61 -22.22 -16.56
C ILE C 188 25.03 -22.29 -16.01
N HIS C 189 25.45 -21.25 -15.29
CA HIS C 189 26.79 -21.24 -14.72
C HIS C 189 27.01 -22.37 -13.73
N LEU C 190 26.02 -22.63 -12.87
CA LEU C 190 26.11 -23.75 -11.93
C LEU C 190 26.34 -25.06 -12.67
N MET C 191 25.61 -25.26 -13.77
CA MET C 191 25.78 -26.50 -14.49
C MET C 191 27.08 -26.51 -15.28
N ALA C 192 27.48 -25.36 -15.85
CA ALA C 192 28.81 -25.30 -16.51
C ALA C 192 29.94 -25.57 -15.51
N LYS C 193 29.84 -24.98 -14.31
CA LYS C 193 30.89 -25.13 -13.30
C LYS C 193 31.06 -26.60 -12.91
N ALA C 194 29.93 -27.29 -12.80
CA ALA C 194 29.95 -28.71 -12.46
C ALA C 194 30.61 -29.54 -13.54
N GLY C 195 30.41 -29.16 -14.82
CA GLY C 195 31.08 -29.82 -15.91
C GLY C 195 30.11 -30.37 -16.94
N LEU C 196 28.85 -29.96 -16.89
CA LEU C 196 27.93 -30.44 -17.92
C LEU C 196 28.32 -29.87 -19.27
N THR C 197 28.01 -30.63 -20.34
CA THR C 197 28.24 -30.12 -21.68
C THR C 197 27.18 -29.08 -21.99
N LEU C 198 27.43 -28.31 -23.05
CA LEU C 198 26.46 -27.31 -23.47
C LEU C 198 25.10 -27.95 -23.73
N GLN C 199 25.08 -29.07 -24.47
CA GLN C 199 23.81 -29.75 -24.72
C GLN C 199 23.13 -30.16 -23.41
N GLN C 200 23.89 -30.66 -22.44
CA GLN C 200 23.31 -31.07 -21.16
C GLN C 200 22.81 -29.87 -20.37
N GLN C 201 23.53 -28.75 -20.48
CA GLN C 201 23.13 -27.53 -19.83
C GLN C 201 21.77 -27.05 -20.36
N HIS C 202 21.63 -26.90 -21.68
CA HIS C 202 20.33 -26.45 -22.20
C HIS C 202 19.25 -27.46 -21.88
N GLN C 203 19.54 -28.79 -22.01
CA GLN C 203 18.48 -29.75 -21.73
C GLN C 203 18.05 -29.68 -20.28
N ARG C 204 19.00 -29.52 -19.35
CA ARG C 204 18.66 -29.50 -17.94
C ARG C 204 17.93 -28.22 -17.58
N LEU C 205 18.37 -27.08 -18.12
CA LEU C 205 17.65 -25.85 -17.88
C LEU C 205 16.18 -26.01 -18.26
N ALA C 206 15.92 -26.55 -19.45
CA ALA C 206 14.54 -26.72 -19.87
C ALA C 206 13.78 -27.66 -18.96
N GLN C 207 14.41 -28.80 -18.59
CA GLN C 207 13.75 -29.75 -17.68
C GLN C 207 13.36 -29.06 -16.39
N LEU C 208 14.26 -28.25 -15.84
CA LEU C 208 13.95 -27.61 -14.57
C LEU C 208 12.82 -26.59 -14.74
N LEU C 209 12.89 -25.79 -15.80
CA LEU C 209 11.85 -24.76 -15.96
C LEU C 209 10.49 -25.36 -16.31
N LEU C 210 10.46 -26.53 -16.98
CA LEU C 210 9.16 -27.12 -17.28
C LEU C 210 8.49 -27.60 -16.00
N ILE C 211 9.28 -27.96 -14.99
CA ILE C 211 8.68 -28.41 -13.73
C ILE C 211 7.92 -27.23 -13.12
N LEU C 212 8.32 -25.98 -13.41
CA LEU C 212 7.57 -24.84 -12.87
C LEU C 212 6.13 -24.75 -13.38
N SER C 213 5.85 -25.29 -14.57
CA SER C 213 4.45 -25.32 -15.05
C SER C 213 3.63 -26.25 -14.13
N HIS C 214 4.23 -27.37 -13.74
CA HIS C 214 3.55 -28.35 -12.87
C HIS C 214 3.33 -27.72 -11.48
N ILE C 215 4.31 -26.96 -11.04
CA ILE C 215 4.12 -26.32 -9.71
C ILE C 215 3.00 -25.28 -9.78
N ARG C 216 2.89 -24.57 -10.89
CA ARG C 216 1.77 -23.61 -10.99
C ARG C 216 0.45 -24.39 -10.95
N HIS C 217 0.40 -25.45 -11.72
CA HIS C 217 -0.81 -26.30 -11.78
C HIS C 217 -1.18 -26.75 -10.35
N MET C 218 -0.20 -27.23 -9.61
CA MET C 218 -0.50 -27.70 -8.26
C MET C 218 -0.99 -26.55 -7.39
N SER C 219 -0.40 -25.38 -7.55
CA SER C 219 -0.83 -24.23 -6.74
CA SER C 219 -0.83 -24.25 -6.73
C SER C 219 -2.27 -23.88 -7.05
N ASN C 220 -2.66 -23.97 -8.31
CA ASN C 220 -4.06 -23.68 -8.62
C ASN C 220 -4.99 -24.70 -8.00
N LYS C 221 -4.66 -25.99 -8.10
CA LYS C 221 -5.47 -26.99 -7.40
C LYS C 221 -5.47 -26.75 -5.90
N GLY C 222 -4.33 -26.38 -5.33
CA GLY C 222 -4.31 -26.17 -3.88
C GLY C 222 -5.12 -24.94 -3.48
N MET C 223 -5.13 -23.92 -4.31
CA MET C 223 -5.99 -22.79 -3.99
C MET C 223 -7.44 -23.22 -3.97
N GLU C 224 -7.85 -24.03 -4.96
CA GLU C 224 -9.22 -24.56 -4.95
C GLU C 224 -9.50 -25.27 -3.66
N HIS C 225 -8.53 -26.06 -3.21
CA HIS C 225 -8.67 -26.86 -1.99
C HIS C 225 -8.78 -25.97 -0.76
N LEU C 226 -7.92 -24.94 -0.67
CA LEU C 226 -7.98 -24.06 0.51
C LEU C 226 -9.32 -23.33 0.58
N TYR C 227 -9.79 -22.77 -0.55
CA TYR C 227 -11.08 -22.07 -0.57
C TYR C 227 -12.23 -23.01 -0.24
N SER C 228 -12.12 -24.29 -0.62
CA SER C 228 -13.15 -25.25 -0.25
C SER C 228 -13.19 -25.54 1.25
N MET C 229 -12.16 -25.13 2.03
CA MET C 229 -12.24 -25.31 3.48
C MET C 229 -13.15 -24.28 4.16
N LYS C 230 -13.49 -23.20 3.45
CA LYS C 230 -14.44 -22.18 3.93
C LYS C 230 -14.10 -21.69 5.34
N SER C 231 -12.85 -21.24 5.53
CA SER C 231 -12.44 -20.62 6.78
C SER C 231 -12.01 -19.18 6.51
N LYS C 232 -11.77 -18.43 7.59
CA LYS C 232 -11.74 -16.96 7.48
C LYS C 232 -10.48 -16.45 6.79
N VAL C 235 -6.53 -17.96 3.22
CA VAL C 235 -5.85 -17.35 2.10
C VAL C 235 -5.36 -15.98 2.58
N PRO C 236 -4.06 -15.72 2.62
CA PRO C 236 -3.60 -14.37 2.97
C PRO C 236 -4.11 -13.35 1.96
N SER C 237 -4.84 -12.35 2.45
CA SER C 237 -5.37 -11.33 1.56
C SER C 237 -4.26 -10.39 1.08
N TYR C 238 -4.54 -9.64 0.02
CA TYR C 238 -3.60 -8.63 -0.43
C TYR C 238 -3.26 -7.66 0.70
N ASP C 239 -4.30 -7.10 1.35
CA ASP C 239 -4.06 -6.19 2.46
C ASP C 239 -3.18 -6.82 3.53
N LEU C 240 -3.37 -8.12 3.82
CA LEU C 240 -2.54 -8.77 4.87
C LEU C 240 -1.08 -8.92 4.43
N LEU C 241 -0.86 -9.30 3.19
CA LEU C 241 0.52 -9.41 2.73
C LEU C 241 1.20 -8.04 2.70
N LEU C 242 0.45 -6.98 2.37
CA LEU C 242 1.09 -5.68 2.33
C LEU C 242 1.52 -5.26 3.72
N GLU C 243 0.67 -5.55 4.71
CA GLU C 243 1.05 -5.23 6.10
C GLU C 243 2.37 -5.90 6.48
N MET C 244 2.56 -7.16 6.03
CA MET C 244 3.76 -7.91 6.43
C MET C 244 4.99 -7.40 5.70
N LEU C 245 4.84 -7.03 4.40
CA LEU C 245 5.98 -6.54 3.63
C LEU C 245 6.31 -5.09 3.96
N ASP C 246 5.31 -4.31 4.36
CA ASP C 246 5.44 -2.86 4.57
C ASP C 246 6.10 -2.60 5.93
N ALA C 247 7.38 -2.93 6.01
CA ALA C 247 8.08 -2.82 7.28
C ALA C 247 8.50 -1.37 7.53
N HIS C 248 8.65 -1.02 8.80
CA HIS C 248 9.28 0.27 9.11
C HIS C 248 10.79 0.03 9.27
N ARG C 249 11.55 1.10 9.47
CA ARG C 249 13.00 0.99 9.69
C ARG C 249 13.40 1.26 11.15
N LEU C 250 12.54 0.89 12.10
CA LEU C 250 12.73 1.29 13.50
C LEU C 250 13.40 0.21 14.32
N HIS C 251 14.02 -0.78 13.66
CA HIS C 251 14.72 -1.85 14.36
C HIS C 251 16.20 -1.89 13.90
N LEU D 7 12.57 -44.14 -33.95
CA LEU D 7 12.97 -43.58 -35.24
C LEU D 7 12.77 -42.07 -35.26
N ALA D 8 11.72 -41.60 -34.58
CA ALA D 8 11.55 -40.15 -34.40
C ALA D 8 12.68 -39.55 -33.57
N LEU D 9 13.25 -40.28 -32.62
CA LEU D 9 14.36 -39.75 -31.85
C LEU D 9 15.64 -39.60 -32.68
N SER D 10 15.62 -39.91 -33.98
CA SER D 10 16.79 -39.81 -34.83
C SER D 10 16.66 -38.68 -35.84
N LEU D 11 15.59 -37.89 -35.79
CA LEU D 11 15.50 -36.74 -36.69
C LEU D 11 16.54 -35.69 -36.33
N THR D 12 17.01 -34.98 -37.36
CA THR D 12 17.81 -33.79 -37.10
C THR D 12 16.92 -32.63 -36.64
N ALA D 13 17.56 -31.61 -36.05
CA ALA D 13 16.81 -30.43 -35.63
C ALA D 13 16.08 -29.81 -36.81
N ASP D 14 16.77 -29.64 -37.94
CA ASP D 14 16.09 -29.15 -39.14
C ASP D 14 14.91 -30.03 -39.52
N GLN D 15 15.06 -31.36 -39.37
CA GLN D 15 13.96 -32.24 -39.77
C GLN D 15 12.79 -32.11 -38.80
N MET D 16 13.09 -32.03 -37.50
CA MET D 16 12.06 -31.74 -36.47
C MET D 16 11.27 -30.49 -36.79
N VAL D 17 11.96 -29.38 -37.12
CA VAL D 17 11.26 -28.13 -37.44
C VAL D 17 10.35 -28.31 -38.64
N SER D 18 10.89 -28.91 -39.71
N SER D 18 10.88 -28.93 -39.70
CA SER D 18 10.10 -29.10 -40.93
CA SER D 18 10.10 -29.09 -40.93
C SER D 18 8.85 -29.92 -40.66
C SER D 18 8.87 -29.94 -40.69
N ALA D 19 9.01 -31.00 -39.90
CA ALA D 19 7.85 -31.86 -39.56
C ALA D 19 6.81 -31.07 -38.78
N LEU D 20 7.25 -30.22 -37.87
CA LEU D 20 6.31 -29.44 -37.07
C LEU D 20 5.62 -28.36 -37.92
N LEU D 21 6.39 -27.64 -38.74
CA LEU D 21 5.76 -26.66 -39.62
C LEU D 21 4.71 -27.29 -40.54
N ASP D 22 5.02 -28.45 -41.11
CA ASP D 22 4.12 -29.13 -42.04
C ASP D 22 2.87 -29.63 -41.34
N ALA D 23 2.98 -29.90 -40.06
CA ALA D 23 1.87 -30.43 -39.28
C ALA D 23 0.86 -29.38 -38.85
N GLU D 24 1.13 -28.10 -39.08
CA GLU D 24 0.35 -27.03 -38.47
C GLU D 24 -1.13 -27.14 -38.88
N PRO D 25 -2.06 -26.95 -37.94
CA PRO D 25 -3.50 -27.05 -38.25
C PRO D 25 -3.97 -25.81 -38.98
N PRO D 26 -5.13 -25.89 -39.62
CA PRO D 26 -5.65 -24.73 -40.32
C PRO D 26 -6.17 -23.72 -39.32
N ILE D 27 -6.40 -22.50 -39.81
CA ILE D 27 -7.15 -21.50 -39.06
C ILE D 27 -8.63 -21.64 -39.40
N LEU D 28 -9.46 -21.82 -38.39
CA LEU D 28 -10.88 -21.97 -38.65
C LEU D 28 -11.62 -20.64 -38.53
N TYR D 29 -12.84 -20.63 -39.08
CA TYR D 29 -13.73 -19.49 -38.95
C TYR D 29 -14.79 -19.76 -37.90
N SER D 30 -15.25 -18.69 -37.27
CA SER D 30 -16.41 -18.76 -36.43
C SER D 30 -17.64 -19.05 -37.28
N GLU D 31 -18.66 -19.66 -36.66
CA GLU D 31 -19.92 -19.97 -37.40
C GLU D 31 -20.92 -18.84 -37.24
N SER D 42 -25.11 -14.92 -29.23
CA SER D 42 -24.32 -15.39 -28.09
C SER D 42 -22.84 -15.54 -28.41
N MET D 43 -22.03 -14.68 -27.82
CA MET D 43 -20.59 -14.77 -28.05
C MET D 43 -20.04 -16.09 -27.50
N MET D 44 -20.57 -16.57 -26.38
CA MET D 44 -20.02 -17.77 -25.74
C MET D 44 -20.37 -19.05 -26.51
N GLY D 45 -21.56 -19.07 -27.13
CA GLY D 45 -21.88 -20.17 -28.02
C GLY D 45 -20.95 -20.21 -29.22
N LEU D 46 -20.62 -19.04 -29.77
CA LEU D 46 -19.66 -18.97 -30.86
C LEU D 46 -18.30 -19.50 -30.42
N LEU D 47 -17.85 -19.10 -29.23
CA LEU D 47 -16.51 -19.52 -28.80
C LEU D 47 -16.48 -21.03 -28.53
N THR D 48 -17.56 -21.58 -27.92
CA THR D 48 -17.59 -23.01 -27.68
C THR D 48 -17.58 -23.79 -28.98
N ASN D 49 -18.39 -23.35 -29.93
CA ASN D 49 -18.47 -24.05 -31.21
C ASN D 49 -17.13 -24.01 -31.94
N LEU D 50 -16.40 -22.90 -31.84
CA LEU D 50 -15.09 -22.80 -32.50
C LEU D 50 -14.09 -23.74 -31.85
N ALA D 51 -13.98 -23.68 -30.52
CA ALA D 51 -13.10 -24.59 -29.80
C ALA D 51 -13.39 -26.04 -30.14
N ASP D 52 -14.68 -26.42 -30.15
CA ASP D 52 -15.04 -27.82 -30.43
C ASP D 52 -14.58 -28.25 -31.82
N ARG D 53 -14.66 -27.36 -32.80
CA ARG D 53 -14.21 -27.78 -34.15
C ARG D 53 -12.68 -27.76 -34.24
N GLU D 54 -12.05 -26.91 -33.45
CA GLU D 54 -10.57 -26.84 -33.48
C GLU D 54 -9.97 -28.13 -32.89
N LEU D 55 -10.66 -28.77 -31.97
CA LEU D 55 -10.11 -29.95 -31.25
C LEU D 55 -9.69 -31.04 -32.23
N VAL D 56 -10.55 -31.32 -33.20
CA VAL D 56 -10.27 -32.43 -34.13
C VAL D 56 -8.98 -32.14 -34.91
N HIS D 57 -8.82 -30.91 -35.35
CA HIS D 57 -7.58 -30.52 -36.05
C HIS D 57 -6.38 -30.61 -35.10
N MET D 58 -6.64 -30.30 -33.85
CA MET D 58 -5.52 -30.41 -32.90
C MET D 58 -5.06 -31.87 -32.83
N ILE D 59 -6.00 -32.79 -32.75
CA ILE D 59 -5.65 -34.23 -32.68
C ILE D 59 -4.83 -34.59 -33.92
N ASN D 60 -5.29 -34.19 -35.11
CA ASN D 60 -4.52 -34.52 -36.33
C ASN D 60 -3.09 -33.94 -36.23
N TRP D 61 -2.98 -32.75 -35.66
CA TRP D 61 -1.66 -32.14 -35.48
C TRP D 61 -0.83 -32.98 -34.52
N ALA D 62 -1.44 -33.37 -33.41
CA ALA D 62 -0.70 -34.12 -32.39
C ALA D 62 -0.11 -35.38 -32.99
N LYS D 63 -0.88 -36.08 -33.84
CA LYS D 63 -0.36 -37.32 -34.39
C LYS D 63 0.90 -37.11 -35.23
N ARG D 64 1.13 -35.90 -35.71
CA ARG D 64 2.32 -35.61 -36.53
C ARG D 64 3.48 -35.03 -35.74
N VAL D 65 3.34 -34.84 -34.42
CA VAL D 65 4.43 -34.34 -33.60
C VAL D 65 5.38 -35.52 -33.43
N PRO D 66 6.60 -35.46 -33.93
CA PRO D 66 7.49 -36.63 -33.88
C PRO D 66 7.61 -37.19 -32.48
N GLY D 67 7.43 -38.50 -32.35
CA GLY D 67 7.48 -39.15 -31.06
C GLY D 67 6.13 -39.40 -30.43
N PHE D 68 5.12 -38.62 -30.81
CA PHE D 68 3.84 -38.71 -30.13
C PHE D 68 3.21 -40.08 -30.34
N VAL D 69 3.16 -40.57 -31.59
CA VAL D 69 2.43 -41.81 -31.84
C VAL D 69 3.22 -43.06 -31.46
N ASP D 70 4.46 -42.93 -30.99
CA ASP D 70 5.14 -44.06 -30.35
C ASP D 70 4.56 -44.39 -28.98
N LEU D 71 3.77 -43.48 -28.41
CA LEU D 71 3.14 -43.77 -27.12
C LEU D 71 1.96 -44.70 -27.32
N THR D 72 1.55 -45.35 -26.24
CA THR D 72 0.28 -46.08 -26.33
C THR D 72 -0.86 -45.10 -26.57
N LEU D 73 -1.95 -45.62 -27.17
CA LEU D 73 -3.10 -44.74 -27.40
C LEU D 73 -3.64 -44.20 -26.11
N HIS D 74 -3.63 -45.05 -25.07
CA HIS D 74 -4.09 -44.62 -23.74
C HIS D 74 -3.30 -43.41 -23.25
N ASP D 75 -2.00 -43.42 -23.49
CA ASP D 75 -1.13 -42.30 -23.04
C ASP D 75 -1.34 -41.08 -23.97
N GLN D 76 -1.51 -41.31 -25.27
CA GLN D 76 -1.78 -40.19 -26.16
C GLN D 76 -3.06 -39.48 -25.72
N VAL D 77 -4.08 -40.23 -25.35
CA VAL D 77 -5.33 -39.60 -24.92
C VAL D 77 -5.11 -38.78 -23.65
N HIS D 78 -4.45 -39.36 -22.63
CA HIS D 78 -4.14 -38.61 -21.42
C HIS D 78 -3.39 -37.33 -21.75
N LEU D 79 -2.42 -37.39 -22.66
CA LEU D 79 -1.68 -36.16 -22.92
C LEU D 79 -2.59 -35.12 -23.56
N LEU D 80 -3.47 -35.56 -24.46
CA LEU D 80 -4.42 -34.63 -25.08
C LEU D 80 -5.40 -34.08 -24.06
N GLU D 81 -5.84 -34.93 -23.13
CA GLU D 81 -6.77 -34.40 -22.12
C GLU D 81 -6.11 -33.28 -21.32
N SER D 82 -4.81 -33.45 -21.06
CA SER D 82 -4.19 -32.46 -20.15
C SER D 82 -3.81 -31.19 -20.90
N ALA D 83 -3.56 -31.31 -22.21
CA ALA D 83 -2.94 -30.20 -22.98
C ALA D 83 -3.90 -29.41 -23.85
N TRP D 84 -5.05 -29.98 -24.20
CA TRP D 84 -5.87 -29.35 -25.28
C TRP D 84 -6.19 -27.86 -25.05
N LEU D 85 -6.51 -27.48 -23.82
CA LEU D 85 -6.93 -26.07 -23.61
C LEU D 85 -5.70 -25.15 -23.73
N GLU D 86 -4.58 -25.59 -23.18
CA GLU D 86 -3.36 -24.82 -23.34
C GLU D 86 -2.99 -24.66 -24.81
N ILE D 87 -3.20 -25.71 -25.59
N ILE D 87 -3.19 -25.72 -25.58
CA ILE D 87 -2.86 -25.62 -27.03
CA ILE D 87 -2.86 -25.62 -27.04
C ILE D 87 -3.81 -24.63 -27.71
C ILE D 87 -3.80 -24.62 -27.70
N LEU D 88 -5.09 -24.69 -27.37
CA LEU D 88 -6.02 -23.72 -27.96
C LEU D 88 -5.62 -22.30 -27.59
N MET D 89 -5.18 -22.12 -26.35
CA MET D 89 -4.80 -20.80 -25.87
C MET D 89 -3.56 -20.30 -26.56
N ILE D 90 -2.52 -21.15 -26.68
CA ILE D 90 -1.33 -20.60 -27.30
C ILE D 90 -1.58 -20.30 -28.77
N GLY D 91 -2.40 -21.09 -29.46
CA GLY D 91 -2.76 -20.77 -30.84
C GLY D 91 -3.49 -19.45 -30.96
N LEU D 92 -4.36 -19.17 -30.00
CA LEU D 92 -5.06 -17.88 -30.00
C LEU D 92 -4.09 -16.73 -29.79
N VAL D 93 -3.21 -16.87 -28.79
CA VAL D 93 -2.21 -15.83 -28.54
C VAL D 93 -1.38 -15.57 -29.78
N TRP D 94 -0.93 -16.65 -30.42
CA TRP D 94 -0.13 -16.53 -31.64
C TRP D 94 -0.91 -15.79 -32.73
N ARG D 95 -2.15 -16.19 -32.98
CA ARG D 95 -2.91 -15.50 -34.02
C ARG D 95 -3.13 -14.04 -33.68
N SER D 96 -3.16 -13.68 -32.39
CA SER D 96 -3.47 -12.33 -31.93
C SER D 96 -2.27 -11.43 -31.81
N MET D 97 -1.08 -11.91 -32.16
CA MET D 97 0.15 -11.11 -31.93
C MET D 97 0.16 -9.78 -32.67
N GLU D 98 -0.25 -9.77 -33.92
CA GLU D 98 -0.27 -8.54 -34.72
C GLU D 98 -1.55 -7.70 -34.50
N HIS D 99 -2.33 -7.97 -33.46
CA HIS D 99 -3.58 -7.26 -33.19
C HIS D 99 -3.59 -6.75 -31.75
N PRO D 100 -2.73 -5.77 -31.42
CA PRO D 100 -2.62 -5.32 -30.02
C PRO D 100 -3.99 -4.98 -29.45
N GLY D 101 -4.21 -5.39 -28.21
CA GLY D 101 -5.47 -5.16 -27.54
C GLY D 101 -6.64 -6.01 -27.98
N LYS D 102 -6.47 -6.88 -28.98
CA LYS D 102 -7.58 -7.74 -29.39
C LYS D 102 -7.16 -9.21 -29.43
N LEU D 103 -8.16 -10.08 -29.42
CA LEU D 103 -7.95 -11.53 -29.54
C LEU D 103 -8.61 -11.97 -30.85
N LEU D 104 -7.79 -12.49 -31.77
CA LEU D 104 -8.24 -13.05 -33.05
C LEU D 104 -8.63 -14.50 -32.88
N PHE D 105 -9.83 -14.72 -32.35
CA PHE D 105 -10.33 -16.08 -32.22
C PHE D 105 -10.44 -16.74 -33.57
N ALA D 106 -10.86 -15.97 -34.58
CA ALA D 106 -10.97 -16.44 -35.96
C ALA D 106 -10.89 -15.19 -36.82
N PRO D 107 -10.65 -15.35 -38.13
CA PRO D 107 -10.51 -14.14 -38.95
C PRO D 107 -11.80 -13.32 -39.00
N ASN D 108 -12.95 -13.93 -38.74
CA ASN D 108 -14.23 -13.23 -38.65
C ASN D 108 -14.69 -13.03 -37.20
N LEU D 109 -13.76 -13.04 -36.25
CA LEU D 109 -14.16 -12.91 -34.85
C LEU D 109 -12.96 -12.38 -34.07
N LEU D 110 -12.82 -11.04 -34.11
CA LEU D 110 -11.79 -10.29 -33.37
C LEU D 110 -12.52 -9.58 -32.23
N LEU D 111 -12.20 -9.89 -30.98
CA LEU D 111 -12.86 -9.33 -29.82
C LEU D 111 -11.85 -8.51 -29.03
N ASP D 112 -12.29 -7.37 -28.50
CA ASP D 112 -11.50 -6.60 -27.54
C ASP D 112 -11.92 -6.95 -26.11
N ARG D 113 -11.20 -6.40 -25.13
CA ARG D 113 -11.51 -6.80 -23.75
C ARG D 113 -12.87 -6.28 -23.27
N ASN D 114 -13.39 -5.22 -23.90
CA ASN D 114 -14.75 -4.78 -23.56
C ASN D 114 -15.78 -5.86 -23.90
N GLN D 115 -15.59 -6.55 -25.02
CA GLN D 115 -16.44 -7.68 -25.35
C GLN D 115 -16.14 -8.80 -24.38
N GLY D 121 -16.10 -13.56 -15.13
CA GLY D 121 -14.73 -14.05 -14.99
C GLY D 121 -14.03 -14.08 -16.34
N MET D 122 -14.75 -13.60 -17.36
CA MET D 122 -14.21 -13.58 -18.72
C MET D 122 -13.02 -12.66 -18.83
N VAL D 123 -13.14 -11.45 -18.28
CA VAL D 123 -12.19 -10.38 -18.57
C VAL D 123 -10.80 -10.71 -18.00
N GLU D 124 -10.73 -11.39 -16.85
CA GLU D 124 -9.44 -11.76 -16.26
C GLU D 124 -8.64 -12.66 -17.20
N ILE D 125 -9.25 -13.74 -17.69
CA ILE D 125 -8.58 -14.59 -18.66
C ILE D 125 -8.27 -13.80 -19.93
N PHE D 126 -9.26 -13.01 -20.40
CA PHE D 126 -9.02 -12.18 -21.58
C PHE D 126 -7.76 -11.33 -21.41
N ASP D 127 -7.62 -10.68 -20.26
CA ASP D 127 -6.46 -9.80 -20.09
C ASP D 127 -5.15 -10.58 -20.03
N MET D 128 -5.19 -11.75 -19.39
CA MET D 128 -3.95 -12.57 -19.36
C MET D 128 -3.55 -13.00 -20.77
N LEU D 129 -4.53 -13.41 -21.57
CA LEU D 129 -4.22 -13.75 -22.96
C LEU D 129 -3.63 -12.58 -23.70
N LEU D 130 -4.22 -11.40 -23.53
CA LEU D 130 -3.64 -10.22 -24.18
C LEU D 130 -2.21 -9.97 -23.72
N ALA D 131 -1.94 -10.17 -22.42
CA ALA D 131 -0.59 -9.95 -21.88
C ALA D 131 0.39 -10.94 -22.52
N THR D 132 -0.07 -12.18 -22.71
CA THR D 132 0.77 -13.18 -23.35
C THR D 132 1.07 -12.79 -24.78
N SER D 133 0.05 -12.36 -25.52
CA SER D 133 0.26 -11.95 -26.90
C SER D 133 1.23 -10.77 -26.97
N SER D 134 1.09 -9.84 -26.07
CA SER D 134 1.99 -8.69 -26.10
C SER D 134 3.44 -9.13 -25.77
N ARG D 135 3.60 -10.06 -24.82
CA ARG D 135 4.92 -10.62 -24.53
C ARG D 135 5.52 -11.32 -25.75
N PHE D 136 4.72 -12.08 -26.51
CA PHE D 136 5.26 -12.71 -27.73
C PHE D 136 5.69 -11.65 -28.74
N ARG D 137 4.92 -10.57 -28.82
CA ARG D 137 5.19 -9.51 -29.82
C ARG D 137 6.55 -8.87 -29.48
N MET D 138 6.72 -8.52 -28.20
CA MET D 138 7.94 -7.89 -27.67
C MET D 138 9.16 -8.80 -27.91
N MET D 139 9.00 -10.09 -27.74
CA MET D 139 10.07 -11.06 -27.93
C MET D 139 10.33 -11.34 -29.39
N ASN D 140 9.43 -10.86 -30.27
CA ASN D 140 9.45 -11.20 -31.70
C ASN D 140 9.43 -12.72 -31.90
N LEU D 141 8.51 -13.39 -31.22
CA LEU D 141 8.43 -14.84 -31.36
C LEU D 141 8.24 -15.22 -32.82
N GLN D 142 9.05 -16.18 -33.28
CA GLN D 142 9.08 -16.67 -34.65
C GLN D 142 8.23 -17.94 -34.80
N GLY D 143 7.74 -18.16 -36.02
CA GLY D 143 6.88 -19.32 -36.26
C GLY D 143 7.54 -20.63 -35.87
N GLU D 144 8.81 -20.77 -36.17
CA GLU D 144 9.52 -22.03 -35.88
C GLU D 144 9.63 -22.25 -34.37
N GLU D 145 9.80 -21.17 -33.60
CA GLU D 145 9.81 -21.31 -32.15
C GLU D 145 8.44 -21.69 -31.62
N PHE D 146 7.41 -21.05 -32.15
CA PHE D 146 6.04 -21.28 -31.70
C PHE D 146 5.63 -22.75 -31.86
N VAL D 147 5.96 -23.37 -33.01
CA VAL D 147 5.54 -24.78 -33.13
C VAL D 147 6.35 -25.67 -32.20
N CYS D 148 7.60 -25.32 -31.89
CA CYS D 148 8.29 -26.11 -30.86
C CYS D 148 7.58 -25.96 -29.50
N LEU D 149 7.14 -24.74 -29.17
CA LEU D 149 6.52 -24.53 -27.87
C LEU D 149 5.24 -25.32 -27.76
N LYS D 150 4.44 -25.35 -28.84
CA LYS D 150 3.23 -26.16 -28.86
C LYS D 150 3.51 -27.61 -28.58
N SER D 151 4.53 -28.16 -29.25
CA SER D 151 4.90 -29.55 -29.03
C SER D 151 5.33 -29.77 -27.59
N ILE D 152 6.05 -28.80 -27.01
CA ILE D 152 6.42 -28.98 -25.60
C ILE D 152 5.17 -29.04 -24.73
N ILE D 153 4.20 -28.14 -24.96
CA ILE D 153 2.96 -28.21 -24.15
C ILE D 153 2.30 -29.57 -24.25
N LEU D 154 2.20 -30.11 -25.47
CA LEU D 154 1.55 -31.41 -25.66
C LEU D 154 2.24 -32.49 -24.84
N LEU D 155 3.55 -32.50 -24.86
CA LEU D 155 4.26 -33.60 -24.23
C LEU D 155 4.40 -33.39 -22.72
N ASN D 156 4.52 -32.13 -22.30
CA ASN D 156 4.83 -31.87 -20.89
C ASN D 156 3.58 -31.75 -20.01
N SER D 157 2.44 -31.40 -20.55
N SER D 157 2.42 -31.37 -20.55
CA SER D 157 1.38 -30.98 -19.63
CA SER D 157 1.32 -30.98 -19.67
C SER D 157 0.79 -32.12 -18.83
C SER D 157 0.85 -32.14 -18.80
N GLY D 158 0.89 -33.35 -19.31
CA GLY D 158 0.34 -34.47 -18.59
C GLY D 158 1.38 -35.42 -18.03
N VAL D 159 2.67 -35.10 -18.23
CA VAL D 159 3.71 -36.07 -17.93
C VAL D 159 3.83 -36.34 -16.44
N TYR D 160 3.30 -35.45 -15.58
CA TYR D 160 3.39 -35.61 -14.12
C TYR D 160 2.11 -36.09 -13.48
N THR D 161 1.06 -36.29 -14.26
CA THR D 161 -0.22 -36.74 -13.72
C THR D 161 -0.71 -38.03 -14.40
N PHE D 162 0.22 -38.87 -14.83
CA PHE D 162 -0.13 -40.19 -15.38
C PHE D 162 -0.94 -40.98 -14.36
N LEU D 167 5.77 -50.46 -14.86
CA LEU D 167 6.95 -50.53 -15.73
C LEU D 167 6.68 -49.87 -17.07
N LYS D 168 5.53 -50.23 -17.69
CA LYS D 168 5.25 -49.66 -18.99
C LYS D 168 5.08 -48.14 -18.90
N SER D 169 4.40 -47.67 -17.85
CA SER D 169 4.21 -46.22 -17.71
C SER D 169 5.54 -45.50 -17.53
N LEU D 170 6.46 -46.10 -16.75
CA LEU D 170 7.80 -45.54 -16.62
C LEU D 170 8.52 -45.46 -17.96
N GLU D 171 8.43 -46.52 -18.78
CA GLU D 171 9.01 -46.46 -20.12
C GLU D 171 8.39 -45.35 -20.95
N GLU D 172 7.08 -45.16 -20.85
CA GLU D 172 6.44 -44.10 -21.63
C GLU D 172 6.95 -42.71 -21.20
N LYS D 173 7.06 -42.49 -19.91
CA LYS D 173 7.53 -41.20 -19.42
C LYS D 173 8.96 -40.94 -19.84
N ASP D 174 9.79 -41.98 -19.78
CA ASP D 174 11.15 -41.85 -20.29
C ASP D 174 11.17 -41.41 -21.74
N HIS D 175 10.35 -42.04 -22.58
CA HIS D 175 10.25 -41.64 -23.98
C HIS D 175 9.82 -40.17 -24.12
N ILE D 176 8.77 -39.78 -23.41
CA ILE D 176 8.34 -38.37 -23.41
C ILE D 176 9.52 -37.44 -23.09
N HIS D 177 10.28 -37.75 -22.05
CA HIS D 177 11.41 -36.89 -21.68
C HIS D 177 12.49 -36.86 -22.75
N ARG D 178 12.74 -37.99 -23.44
CA ARG D 178 13.68 -37.96 -24.56
C ARG D 178 13.18 -37.08 -25.70
N VAL D 179 11.87 -37.12 -26.00
CA VAL D 179 11.36 -36.26 -27.07
C VAL D 179 11.45 -34.78 -26.66
N LEU D 180 11.06 -34.48 -25.42
CA LEU D 180 11.18 -33.10 -24.92
C LEU D 180 12.61 -32.59 -25.05
N ASP D 181 13.60 -33.44 -24.70
CA ASP D 181 15.00 -33.04 -24.84
C ASP D 181 15.32 -32.69 -26.28
N LYS D 182 14.77 -33.44 -27.23
N LYS D 182 14.77 -33.44 -27.22
CA LYS D 182 15.09 -33.16 -28.62
CA LYS D 182 15.08 -33.16 -28.60
C LYS D 182 14.44 -31.87 -29.10
C LYS D 182 14.48 -31.84 -29.03
N ILE D 183 13.26 -31.53 -28.56
CA ILE D 183 12.67 -30.23 -28.88
C ILE D 183 13.51 -29.10 -28.30
N THR D 184 14.02 -29.27 -27.08
CA THR D 184 14.95 -28.28 -26.51
C THR D 184 16.14 -28.09 -27.43
N ASP D 185 16.78 -29.20 -27.85
CA ASP D 185 17.87 -29.07 -28.82
C ASP D 185 17.45 -28.28 -30.04
N THR D 186 16.25 -28.54 -30.55
CA THR D 186 15.80 -27.88 -31.76
C THR D 186 15.60 -26.37 -31.55
N LEU D 187 14.97 -25.97 -30.44
CA LEU D 187 14.83 -24.53 -30.16
C LEU D 187 16.19 -23.85 -30.11
N ILE D 188 17.16 -24.47 -29.43
CA ILE D 188 18.48 -23.87 -29.36
C ILE D 188 19.09 -23.78 -30.74
N HIS D 189 18.92 -24.83 -31.55
CA HIS D 189 19.41 -24.79 -32.91
C HIS D 189 18.81 -23.61 -33.69
N LEU D 190 17.50 -23.41 -33.58
CA LEU D 190 16.89 -22.27 -34.27
C LEU D 190 17.52 -20.94 -33.82
N MET D 191 17.69 -20.78 -32.51
CA MET D 191 18.26 -19.56 -31.96
C MET D 191 19.69 -19.35 -32.43
N ALA D 192 20.48 -20.42 -32.45
CA ALA D 192 21.85 -20.26 -32.93
C ALA D 192 21.86 -19.88 -34.41
N LYS D 193 21.02 -20.54 -35.21
CA LYS D 193 20.94 -20.18 -36.62
C LYS D 193 20.51 -18.73 -36.81
N ALA D 194 19.67 -18.20 -35.92
CA ALA D 194 19.27 -16.78 -35.99
C ALA D 194 20.40 -15.83 -35.53
N GLY D 195 21.53 -16.33 -35.05
CA GLY D 195 22.64 -15.46 -34.71
C GLY D 195 22.73 -15.01 -33.27
N LEU D 196 21.94 -15.59 -32.37
CA LEU D 196 22.04 -15.27 -30.95
C LEU D 196 23.33 -15.82 -30.37
N THR D 197 23.90 -15.09 -29.40
CA THR D 197 25.01 -15.62 -28.65
C THR D 197 24.50 -16.78 -27.79
N LEU D 198 25.46 -17.55 -27.24
CA LEU D 198 25.09 -18.63 -26.33
C LEU D 198 24.31 -18.10 -25.14
N GLN D 199 24.77 -16.99 -24.54
CA GLN D 199 24.00 -16.36 -23.46
C GLN D 199 22.57 -16.01 -23.88
N GLN D 200 22.42 -15.37 -25.05
CA GLN D 200 21.07 -15.00 -25.49
C GLN D 200 20.22 -16.22 -25.79
N GLN D 201 20.85 -17.29 -26.32
CA GLN D 201 20.14 -18.55 -26.52
C GLN D 201 19.53 -19.05 -25.20
N HIS D 202 20.34 -19.16 -24.15
CA HIS D 202 19.77 -19.73 -22.94
CA HIS D 202 19.81 -19.69 -22.89
C HIS D 202 18.80 -18.76 -22.28
N GLN D 203 19.03 -17.45 -22.41
CA GLN D 203 18.08 -16.50 -21.88
C GLN D 203 16.74 -16.58 -22.60
N ARG D 204 16.76 -16.73 -23.91
CA ARG D 204 15.53 -16.78 -24.66
C ARG D 204 14.79 -18.10 -24.42
N LEU D 205 15.53 -19.20 -24.36
CA LEU D 205 14.91 -20.49 -24.05
C LEU D 205 14.18 -20.38 -22.73
N ALA D 206 14.84 -19.83 -21.72
CA ALA D 206 14.19 -19.67 -20.41
C ALA D 206 12.98 -18.76 -20.50
N GLN D 207 13.09 -17.61 -21.18
CA GLN D 207 11.91 -16.72 -21.32
C GLN D 207 10.73 -17.46 -21.95
N LEU D 208 10.97 -18.24 -23.00
CA LEU D 208 9.85 -18.96 -23.64
C LEU D 208 9.23 -20.00 -22.71
N LEU D 209 10.06 -20.76 -22.00
CA LEU D 209 9.50 -21.79 -21.13
C LEU D 209 8.79 -21.18 -19.92
N LEU D 210 9.23 -20.01 -19.43
CA LEU D 210 8.49 -19.38 -18.34
C LEU D 210 7.10 -18.92 -18.79
N ILE D 211 6.95 -18.55 -20.06
CA ILE D 211 5.61 -18.20 -20.52
C ILE D 211 4.70 -19.42 -20.49
N LEU D 212 5.23 -20.63 -20.71
CA LEU D 212 4.37 -21.81 -20.64
C LEU D 212 3.74 -21.96 -19.27
N SER D 213 4.42 -21.53 -18.19
CA SER D 213 3.75 -21.70 -16.90
C SER D 213 2.55 -20.75 -16.80
N HIS D 214 2.62 -19.59 -17.45
CA HIS D 214 1.47 -18.70 -17.45
C HIS D 214 0.36 -19.26 -18.34
N ILE D 215 0.74 -19.93 -19.42
CA ILE D 215 -0.29 -20.57 -20.24
C ILE D 215 -0.98 -21.70 -19.45
N ARG D 216 -0.20 -22.46 -18.64
CA ARG D 216 -0.81 -23.47 -17.75
C ARG D 216 -1.79 -22.83 -16.79
N HIS D 217 -1.41 -21.70 -16.19
CA HIS D 217 -2.29 -20.98 -15.27
C HIS D 217 -3.61 -20.61 -15.93
N MET D 218 -3.55 -20.01 -17.12
CA MET D 218 -4.79 -19.67 -17.84
C MET D 218 -5.64 -20.89 -18.12
N SER D 219 -5.00 -21.97 -18.58
CA SER D 219 -5.78 -23.18 -18.83
C SER D 219 -6.39 -23.71 -17.54
N ASN D 220 -5.64 -23.66 -16.42
CA ASN D 220 -6.21 -24.14 -15.17
C ASN D 220 -7.49 -23.40 -14.86
N LYS D 221 -7.49 -22.07 -14.99
CA LYS D 221 -8.72 -21.34 -14.71
C LYS D 221 -9.83 -21.73 -15.67
N GLY D 222 -9.53 -21.92 -16.95
CA GLY D 222 -10.61 -22.27 -17.87
C GLY D 222 -11.13 -23.69 -17.64
N MET D 223 -10.23 -24.63 -17.34
CA MET D 223 -10.71 -25.98 -17.04
C MET D 223 -11.56 -25.97 -15.78
N GLU D 224 -11.17 -25.18 -14.76
CA GLU D 224 -12.03 -25.06 -13.57
C GLU D 224 -13.42 -24.62 -13.97
N HIS D 225 -13.50 -23.69 -14.92
CA HIS D 225 -14.81 -23.16 -15.30
C HIS D 225 -15.63 -24.26 -16.00
N LEU D 226 -15.02 -24.94 -16.97
CA LEU D 226 -15.69 -26.05 -17.66
C LEU D 226 -16.18 -27.13 -16.70
N TYR D 227 -15.33 -27.57 -15.77
CA TYR D 227 -15.79 -28.56 -14.81
C TYR D 227 -16.93 -28.06 -13.92
N SER D 228 -16.92 -26.75 -13.60
CA SER D 228 -17.98 -26.19 -12.76
C SER D 228 -19.34 -26.26 -13.44
N MET D 229 -19.36 -26.43 -14.76
CA MET D 229 -20.64 -26.54 -15.46
C MET D 229 -21.33 -27.87 -15.20
N LYS D 230 -20.61 -28.89 -14.72
CA LYS D 230 -21.21 -30.19 -14.39
C LYS D 230 -22.08 -30.70 -15.54
N SER D 231 -21.53 -30.61 -16.76
CA SER D 231 -22.27 -30.89 -17.98
C SER D 231 -21.48 -31.93 -18.75
N LYS D 232 -22.15 -33.05 -19.08
CA LYS D 232 -21.46 -34.28 -19.49
C LYS D 232 -20.39 -34.05 -20.53
N ASN D 233 -20.73 -33.37 -21.62
CA ASN D 233 -19.81 -33.44 -22.75
C ASN D 233 -18.89 -32.23 -22.85
N VAL D 234 -18.99 -31.27 -21.93
CA VAL D 234 -18.36 -29.98 -22.15
C VAL D 234 -16.83 -30.12 -22.10
N VAL D 235 -16.32 -30.88 -21.15
CA VAL D 235 -14.88 -31.21 -21.16
C VAL D 235 -14.77 -32.42 -22.08
N PRO D 236 -13.92 -32.43 -23.12
CA PRO D 236 -13.89 -33.60 -24.02
C PRO D 236 -13.50 -34.88 -23.28
N SER D 237 -14.31 -35.92 -23.48
CA SER D 237 -14.11 -37.19 -22.78
C SER D 237 -12.95 -37.97 -23.35
N TYR D 238 -12.43 -38.89 -22.53
CA TYR D 238 -11.47 -39.88 -23.03
C TYR D 238 -11.99 -40.54 -24.31
N ASP D 239 -13.27 -40.92 -24.33
CA ASP D 239 -13.80 -41.63 -25.50
C ASP D 239 -13.87 -40.73 -26.71
N LEU D 240 -14.23 -39.48 -26.52
CA LEU D 240 -14.32 -38.58 -27.67
C LEU D 240 -12.95 -38.37 -28.27
N LEU D 241 -11.96 -38.11 -27.42
CA LEU D 241 -10.62 -37.90 -27.93
C LEU D 241 -10.12 -39.13 -28.63
N LEU D 242 -10.37 -40.31 -28.03
CA LEU D 242 -9.92 -41.54 -28.63
C LEU D 242 -10.57 -41.73 -29.99
N GLU D 243 -11.85 -41.36 -30.09
CA GLU D 243 -12.54 -41.50 -31.40
C GLU D 243 -11.86 -40.61 -32.44
N MET D 244 -11.57 -39.38 -32.05
CA MET D 244 -10.91 -38.41 -32.94
C MET D 244 -9.55 -38.92 -33.38
N LEU D 245 -8.85 -39.65 -32.49
CA LEU D 245 -7.53 -40.18 -32.85
C LEU D 245 -7.60 -41.23 -33.95
N ASP D 246 -8.76 -41.86 -34.15
CA ASP D 246 -9.01 -42.80 -35.27
C ASP D 246 -7.98 -43.93 -35.27
N ALA D 247 -8.10 -44.79 -34.26
CA ALA D 247 -7.07 -45.80 -34.06
C ALA D 247 -6.97 -46.79 -35.23
N HIS D 248 -5.78 -47.37 -35.41
CA HIS D 248 -5.59 -48.46 -36.37
C HIS D 248 -6.56 -49.62 -36.08
N ARG D 249 -6.95 -50.33 -37.14
CA ARG D 249 -7.98 -51.36 -37.05
C ARG D 249 -7.45 -52.77 -36.84
N LEU D 250 -6.16 -52.94 -36.60
CA LEU D 250 -5.57 -54.24 -36.29
C LEU D 250 -5.10 -54.18 -34.85
N HIS D 251 -6.06 -54.32 -33.93
CA HIS D 251 -5.72 -54.31 -32.49
C HIS D 251 -5.01 -55.62 -32.08
N1 TW6 E . -6.28 27.03 -3.17
C4 TW6 E . -2.10 26.93 -2.38
C5 TW6 E . -3.58 26.91 -2.67
C6 TW6 E . -4.07 26.56 -3.89
C7 TW6 E . -4.48 27.36 -1.50
C8 TW6 E . -5.88 26.82 -1.80
C10 TW6 E . -7.47 27.79 -3.55
C13 TW6 E . -10.16 29.54 -1.42
C15 TW6 E . -7.94 30.69 -1.21
C17 TW6 E . -6.35 25.58 -0.98
C20 TW6 E . -6.75 24.68 -5.54
C21 TW6 E . -7.12 23.22 -5.85
C22 TW6 E . -6.55 22.29 -5.09
C24 TW6 E . -5.24 23.90 -3.68
C26 TW6 E . -6.56 18.96 -6.76
C1 TW6 E . -3.11 26.17 -4.96
C11 TW6 E . -8.30 28.63 -2.58
C12 TW6 E . -9.59 28.50 -2.35
C14 TW6 E . -9.42 30.52 -0.90
C16 TW6 E . -7.43 29.76 -2.01
C18 TW6 E . -6.66 26.94 -0.46
C19 TW6 E . -5.91 24.97 -4.53
C2 TW6 E . -1.81 26.20 -4.70
C23 TW6 E . -5.59 22.62 -3.96
C25 TW6 E . -6.15 20.40 -6.45
C27 TW6 E . -4.68 18.59 -5.23
C3 TW6 E . -1.26 26.60 -3.37
C9 TW6 E . -5.54 26.45 -4.28
N2 TW6 E . -5.48 18.06 -6.35
O1 TW6 E . 0.11 26.54 -3.17
O2 TW6 E . -7.75 27.89 -4.68
O3 TW6 E . -6.85 20.89 -5.33
N1 TW6 F . -20.59 15.81 21.59
C4 TW6 F . -18.73 17.22 25.19
C5 TW6 F . -19.40 16.84 23.86
C6 TW6 F . -20.73 16.80 23.74
C7 TW6 F . -18.47 16.47 22.69
C8 TW6 F . -19.26 16.38 21.36
C10 TW6 F . -21.13 14.61 20.97
C13 TW6 F . -19.69 12.60 17.96
C15 TW6 F . -18.62 11.91 20.11
C17 TW6 F . -18.91 17.10 20.04
C20 TW6 F . -23.49 17.52 21.42
C21 TW6 F . -24.22 18.73 20.87
C22 TW6 F . -23.52 19.89 20.91
C24 TW6 F . -21.49 18.93 21.91
C26 TW6 F . -26.17 22.29 20.19
C1 TW6 F . -21.61 17.16 24.94
C11 TW6 F . -20.33 13.70 20.04
C12 TW6 F . -20.53 13.61 18.74
C14 TW6 F . -18.82 11.83 18.59
C16 TW6 F . -19.34 12.80 20.79
C18 TW6 F . -18.09 15.91 20.46
C19 TW6 F . -22.24 17.62 21.87
C2 TW6 F . -21.05 17.51 26.09
C23 TW6 F . -22.12 20.00 21.44
C25 TW6 F . -25.51 21.01 20.69
C27 TW6 F . -24.83 23.66 21.68
C3 TW6 F . -19.55 17.55 26.22
C9 TW6 F . -21.51 16.43 22.48
N2 TW6 F . -26.21 23.27 21.26
O1 TW6 F . -19.07 17.96 27.47
O2 TW6 F . -22.24 14.31 21.28
O3 TW6 F . -24.10 21.06 20.48
N1 TW6 G . -0.77 -27.81 2.53
C4 TW6 G . 3.36 -26.80 2.56
C5 TW6 G . 1.87 -27.10 2.59
C6 TW6 G . 1.10 -26.90 3.67
C7 TW6 G . 1.34 -27.64 1.25
C8 TW6 G . -0.17 -27.59 1.22
C10 TW6 G . -1.79 -28.83 2.72
C13 TW6 G . -3.61 -31.10 0.15
C15 TW6 G . -1.23 -31.77 0.39
C17 TW6 G . -0.86 -27.68 -0.20
C20 TW6 G . -2.22 -25.72 4.73
C21 TW6 G . -2.93 -24.38 4.92
C22 TW6 G . -2.44 -23.32 4.27
C24 TW6 G . -0.57 -24.58 3.20
C26 TW6 G . -3.32 -20.28 6.08
C1 TW6 G . 1.71 -26.36 4.94
C11 TW6 G . -2.20 -29.83 1.62
C12 TW6 G . -3.42 -29.97 1.15
C14 TW6 G . -2.62 -31.90 -0.21
C16 TW6 G . -1.05 -30.78 1.25
C18 TW6 G . -0.52 -26.34 0.35
C19 TW6 G . -1.14 -25.79 3.92
C2 TW6 G . 2.99 -26.12 4.95
C23 TW6 G . -1.22 -23.42 3.37
C25 TW6 G . -2.44 -21.41 5.49
C27 TW6 G . -1.60 -19.10 4.81
C3 TW6 G . 3.86 -26.34 3.73
C9 TW6 G . -0.42 -27.11 3.75
N2 TW6 G . -2.81 -18.99 5.65
O1 TW6 G . 5.17 -26.00 3.83
O2 TW6 G . -2.25 -28.96 3.80
O3 TW6 G . -3.05 -22.03 4.39
N1 TW6 H . -12.04 -19.41 -24.79
C4 TW6 H . -9.29 -20.35 -27.91
C5 TW6 H . -10.26 -20.15 -26.74
C6 TW6 H . -11.55 -20.41 -26.88
C7 TW6 H . -9.65 -19.64 -25.44
C8 TW6 H . -10.67 -19.52 -24.30
C10 TW6 H . -13.00 -18.44 -24.29
C13 TW6 H . -11.40 -15.21 -22.91
C15 TW6 H . -12.70 -16.33 -21.06
C17 TW6 H . -10.08 -19.10 -22.93
C20 TW6 H . -12.22 -22.62 -25.18
C21 TW6 H . -12.77 -23.97 -24.77
C22 TW6 H . -14.07 -24.14 -24.58
C24 TW6 H . -14.60 -21.82 -25.09
C26 TW6 H . -16.25 -27.04 -24.30
C1 TW6 H . -12.07 -20.93 -28.20
C11 TW6 H . -12.59 -17.35 -23.28
C12 TW6 H . -11.83 -16.38 -23.82
C14 TW6 H . -11.82 -15.21 -21.64
C16 TW6 H . -13.08 -17.33 -21.84
C18 TW6 H . -10.21 -20.57 -23.27
C19 TW6 H . -13.10 -21.62 -25.30
C2 TW6 H . -11.26 -21.10 -29.22
C23 TW6 H . -15.08 -23.02 -24.74
C25 TW6 H . -15.88 -25.60 -24.67
C27 TW6 H . -14.41 -28.04 -25.48
C3 TW6 H . -9.79 -20.83 -29.07
C9 TW6 H . -12.61 -20.26 -25.79
N2 TW6 H . -15.89 -27.94 -25.41
O1 TW6 H . -9.00 -21.08 -30.19
O2 TW6 H . -14.09 -18.46 -24.76
O3 TW6 H . -14.54 -25.38 -24.21
#